data_9MJ2
#
_entry.id   9MJ2
#
_cell.length_a   1.00
_cell.length_b   1.00
_cell.length_c   1.00
_cell.angle_alpha   90.00
_cell.angle_beta   90.00
_cell.angle_gamma   90.00
#
_symmetry.space_group_name_H-M   'P 1'
#
loop_
_entity.id
_entity.type
_entity.pdbx_description
1 polymer 'Pre-glycoprotein polyprotein GP complex'
2 polymer 'Glycoprotein G2'
3 branched beta-D-mannopyranose-(1-4)-2-acetamido-2-deoxy-beta-D-glucopyranose-(1-4)-2-acetamido-2-deoxy-beta-D-glucopyranose
4 branched alpha-D-mannopyranose-(1-6)-beta-D-mannopyranose-(1-4)-2-acetamido-2-deoxy-beta-D-glucopyranose-(1-4)-[alpha-L-fucopyranose-(1-6)]2-acetamido-2-deoxy-beta-D-glucopyranose
5 branched 2-acetamido-2-deoxy-beta-D-glucopyranose-(1-4)-[alpha-L-fucopyranose-(1-6)]2-acetamido-2-deoxy-beta-D-glucopyranose
6 branched 'alpha-D-xylopyranose-(1-3)-beta-D-glucopyranuronic acid-(1-3)-alpha-D-xylopyranose'
7 branched alpha-D-mannopyranose-(1-3)-beta-D-mannopyranose-(1-4)-2-acetamido-2-deoxy-beta-D-glucopyranose-(1-4)-2-acetamido-2-deoxy-beta-D-glucopyranose
8 non-polymer 2-acetamido-2-deoxy-beta-D-glucopyranose
9 non-polymer 'UNKNOWN LIGAND'
10 water water
#
loop_
_entity_poly.entity_id
_entity_poly.type
_entity_poly.pdbx_seq_one_letter_code
_entity_poly.pdbx_strand_id
1 'polypeptide(L)'
;TSLYKGVYELQTLELNMETLNMTMPLSCTKNNSHHYIMVGNETGLELTLTNTSIINHKFCNLSDAHKKNLYDHALMSIIS
TFHLSIPNFNQYEAMSCDFNGGKISVQYNLSHSYAGDAANHCGTVANGVLQTFMRMAWGGSYIALDSGRGNWDCIMTSYQ
YLIIQNTTWEDHCQFSRPSPIGYLGLLSQRTRDIYISRRLL
;
A,B,C
2 'polypeptide(L)'
;GTFTWTLSDSEGKDTPGGYCLTRWMLIEAELKCFGNTAVAKCNEKHDEEFCDMLRLFDFNKQAIQRLKAEAQMSIQLINK
AVNALINDQLIMKNHLRDIMGIPYCNYSKYWYLNHTTTGRTSLPKCWLVSNGSYLNETHFSDDIEQQADNMITEMLQKEY
MERQGKTPLGLVDLFVFSTSFYLISIFLHLVKIPTHRHIVGKSCPKPHRLNHMGICSCGLYKQPGVPVKWKR
;
a,b,c
#
# COMPACT_ATOMS: atom_id res chain seq x y z
N THR A 1 -40.79 11.38 -1.62
CA THR A 1 -41.66 12.04 -2.59
C THR A 1 -41.23 11.68 -4.02
N SER A 2 -40.08 11.03 -4.13
CA SER A 2 -39.53 10.60 -5.41
C SER A 2 -39.56 9.08 -5.46
N LEU A 3 -40.48 8.53 -6.25
CA LEU A 3 -40.72 7.10 -6.26
C LEU A 3 -40.15 6.51 -7.55
N TYR A 4 -39.35 5.45 -7.41
CA TYR A 4 -38.72 4.75 -8.51
C TYR A 4 -39.24 3.33 -8.61
N LYS A 5 -39.50 2.90 -9.85
CA LYS A 5 -40.07 1.59 -10.16
C LYS A 5 -41.37 1.33 -9.42
N GLY A 6 -42.08 2.39 -9.05
CA GLY A 6 -43.34 2.28 -8.35
C GLY A 6 -43.27 1.80 -6.91
N VAL A 7 -42.14 1.27 -6.44
CA VAL A 7 -42.08 0.67 -5.11
C VAL A 7 -40.86 1.09 -4.30
N TYR A 8 -39.95 1.87 -4.88
CA TYR A 8 -38.69 2.23 -4.21
C TYR A 8 -38.64 3.73 -3.93
N GLU A 9 -38.64 4.10 -2.66
CA GLU A 9 -38.56 5.50 -2.27
C GLU A 9 -37.10 5.91 -2.11
N LEU A 10 -36.72 7.03 -2.72
CA LEU A 10 -35.36 7.54 -2.61
C LEU A 10 -35.18 8.35 -1.33
N GLN A 11 -34.31 7.89 -0.43
CA GLN A 11 -34.05 8.56 0.83
C GLN A 11 -32.57 8.85 0.96
N THR A 12 -32.23 9.80 1.83
CA THR A 12 -30.87 10.30 1.96
C THR A 12 -30.48 10.35 3.43
N LEU A 13 -29.16 10.37 3.66
CA LEU A 13 -28.59 10.64 4.98
C LEU A 13 -27.31 11.44 4.82
N GLU A 14 -26.96 12.19 5.86
CA GLU A 14 -25.70 12.92 5.91
C GLU A 14 -25.00 12.63 7.23
N LEU A 15 -23.74 12.23 7.15
CA LEU A 15 -22.98 11.84 8.33
C LEU A 15 -22.49 13.06 9.11
N ASN A 16 -22.57 12.98 10.43
CA ASN A 16 -22.01 13.99 11.32
C ASN A 16 -20.61 13.53 11.72
N MET A 17 -19.62 13.86 10.89
CA MET A 17 -18.23 13.50 11.10
C MET A 17 -17.60 14.23 12.29
N GLU A 18 -18.25 15.30 12.76
CA GLU A 18 -17.78 16.05 13.92
C GLU A 18 -17.56 15.15 15.13
N THR A 19 -18.36 14.09 15.27
CA THR A 19 -18.26 13.14 16.37
C THR A 19 -16.96 12.33 16.37
N LEU A 20 -16.16 12.36 15.31
CA LEU A 20 -14.87 11.67 15.26
C LEU A 20 -13.74 12.44 15.93
N ASN A 21 -14.05 13.57 16.55
CA ASN A 21 -13.07 14.55 17.00
C ASN A 21 -11.99 13.98 17.92
N MET A 22 -12.32 13.00 18.77
CA MET A 22 -11.35 12.51 19.76
C MET A 22 -10.32 11.54 19.20
N THR A 23 -10.51 10.97 18.02
CA THR A 23 -9.60 9.97 17.52
C THR A 23 -8.90 10.35 16.23
N MET A 24 -9.29 11.44 15.57
CA MET A 24 -8.62 11.85 14.34
C MET A 24 -8.82 13.34 14.14
N PRO A 25 -7.88 14.02 13.49
CA PRO A 25 -8.05 15.45 13.20
C PRO A 25 -9.19 15.70 12.21
N LEU A 26 -9.77 16.90 12.32
CA LEU A 26 -10.87 17.31 11.45
C LEU A 26 -10.56 18.67 10.83
N SER A 27 -10.58 18.72 9.50
CA SER A 27 -10.31 19.93 8.73
C SER A 27 -11.59 20.51 8.15
N CYS A 28 -11.65 21.84 8.07
CA CYS A 28 -12.78 22.50 7.44
C CYS A 28 -12.33 23.82 6.87
N THR A 29 -13.21 24.39 6.03
CA THR A 29 -12.98 25.61 5.29
C THR A 29 -13.91 26.73 5.73
N LYS A 30 -13.35 27.89 6.03
CA LYS A 30 -14.14 29.07 6.33
C LYS A 30 -14.50 29.79 5.04
N ASN A 31 -13.50 30.02 4.19
CA ASN A 31 -13.70 30.62 2.87
C ASN A 31 -12.51 30.20 2.01
N ASN A 32 -12.34 30.85 0.85
CA ASN A 32 -11.26 30.50 -0.07
C ASN A 32 -9.89 30.53 0.60
N SER A 33 -9.61 31.54 1.40
CA SER A 33 -8.28 31.80 1.92
C SER A 33 -8.03 31.19 3.29
N HIS A 34 -9.08 30.97 4.09
CA HIS A 34 -8.91 30.58 5.49
C HIS A 34 -9.41 29.16 5.71
N HIS A 35 -8.58 28.31 6.34
CA HIS A 35 -8.89 26.91 6.67
C HIS A 35 -8.30 26.54 8.04
N TYR A 36 -8.89 25.49 8.60
CA TYR A 36 -8.63 25.11 9.97
C TYR A 36 -8.53 23.60 10.04
N ILE A 37 -7.65 23.12 10.91
CA ILE A 37 -7.59 21.72 11.30
C ILE A 37 -7.59 21.58 12.82
N MET A 38 -8.69 21.16 13.38
CA MET A 38 -8.76 21.02 14.83
C MET A 38 -8.42 19.59 15.22
N VAL A 39 -7.78 19.47 16.38
CA VAL A 39 -7.32 18.22 16.96
C VAL A 39 -7.98 18.13 18.33
N GLY A 40 -9.01 17.32 18.43
CA GLY A 40 -9.80 17.28 19.63
C GLY A 40 -10.69 18.52 19.71
N ASN A 41 -11.15 18.81 20.91
CA ASN A 41 -12.04 19.94 21.16
C ASN A 41 -11.34 21.13 21.81
N GLU A 42 -10.00 21.17 21.81
CA GLU A 42 -9.33 22.23 22.55
C GLU A 42 -8.32 23.01 21.73
N THR A 43 -7.68 22.36 20.76
CA THR A 43 -6.57 22.98 20.03
C THR A 43 -6.63 22.63 18.55
N GLY A 44 -5.86 23.37 17.75
CA GLY A 44 -5.80 23.09 16.34
C GLY A 44 -4.90 24.10 15.64
N LEU A 45 -4.87 24.01 14.30
CA LEU A 45 -4.05 24.88 13.46
C LEU A 45 -4.93 25.66 12.49
N GLU A 46 -4.75 26.97 12.44
CA GLU A 46 -5.35 27.83 11.42
C GLU A 46 -4.34 28.12 10.31
N LEU A 47 -4.71 27.80 9.07
CA LEU A 47 -3.88 28.08 7.89
C LEU A 47 -4.57 29.17 7.06
N THR A 48 -3.85 30.28 6.88
CA THR A 48 -4.35 31.48 6.22
C THR A 48 -3.48 31.90 5.03
N LEU A 49 -4.11 32.09 3.88
CA LEU A 49 -3.48 32.76 2.74
C LEU A 49 -3.64 34.27 2.92
N THR A 50 -2.53 35.00 2.88
CA THR A 50 -2.55 36.42 3.24
C THR A 50 -1.39 37.16 2.61
N ASN A 51 -1.59 38.46 2.41
CA ASN A 51 -0.57 39.41 1.98
C ASN A 51 0.24 40.00 3.14
N THR A 52 -0.15 39.75 4.39
CA THR A 52 0.50 40.31 5.57
C THR A 52 1.37 39.25 6.22
N SER A 53 2.69 39.37 6.09
CA SER A 53 3.59 38.43 6.74
C SER A 53 3.71 38.78 8.22
N ILE A 54 3.98 37.75 9.04
CA ILE A 54 4.24 37.93 10.47
C ILE A 54 5.66 37.57 10.88
N ILE A 55 6.47 37.00 9.99
CA ILE A 55 7.86 36.66 10.29
C ILE A 55 8.76 37.38 9.29
N ASN A 56 9.79 38.04 9.80
CA ASN A 56 10.71 38.81 8.98
C ASN A 56 12.14 38.38 9.24
N HIS A 57 12.38 37.08 9.34
CA HIS A 57 13.72 36.52 9.42
C HIS A 57 13.75 35.26 8.56
N LYS A 58 14.92 34.63 8.47
CA LYS A 58 15.11 33.45 7.62
C LYS A 58 15.35 32.18 8.43
N PHE A 59 15.06 32.18 9.73
CA PHE A 59 15.30 31.03 10.58
C PHE A 59 14.11 30.08 10.63
N CYS A 60 14.42 28.79 10.80
CA CYS A 60 13.44 27.78 11.20
C CYS A 60 14.18 26.81 12.12
N ASN A 61 14.11 27.07 13.42
CA ASN A 61 14.96 26.42 14.42
C ASN A 61 14.30 25.13 14.93
N LEU A 62 14.19 24.16 14.02
CA LEU A 62 13.48 22.93 14.33
C LEU A 62 14.19 22.10 15.40
N SER A 63 15.51 21.98 15.30
CA SER A 63 16.25 21.13 16.24
C SER A 63 16.22 21.68 17.66
N ASP A 64 16.35 22.99 17.83
CA ASP A 64 16.25 23.58 19.16
C ASP A 64 14.86 23.37 19.74
N ALA A 65 13.82 23.50 18.91
CA ALA A 65 12.47 23.22 19.35
C ALA A 65 12.31 21.78 19.81
N HIS A 66 12.87 20.84 19.05
CA HIS A 66 12.83 19.44 19.45
C HIS A 66 13.52 19.22 20.79
N LYS A 67 14.72 19.79 20.94
CA LYS A 67 15.46 19.64 22.20
C LYS A 67 14.66 20.18 23.38
N LYS A 68 13.99 21.32 23.21
CA LYS A 68 13.26 21.93 24.31
C LYS A 68 11.97 21.18 24.62
N ASN A 69 11.32 20.60 23.60
CA ASN A 69 10.21 19.68 23.80
C ASN A 69 9.06 20.32 24.55
N LEU A 70 8.69 21.55 24.15
CA LEU A 70 7.60 22.28 24.77
C LEU A 70 6.33 22.32 23.92
N TYR A 71 6.40 21.95 22.65
CA TYR A 71 5.27 22.06 21.74
C TYR A 71 4.29 20.90 21.95
N ASP A 72 3.12 21.03 21.33
CA ASP A 72 2.12 19.97 21.25
C ASP A 72 2.56 18.95 20.21
N HIS A 73 2.68 17.69 20.62
CA HIS A 73 3.25 16.66 19.74
C HIS A 73 2.37 16.39 18.53
N ALA A 74 1.04 16.39 18.71
CA ALA A 74 0.14 16.18 17.58
C ALA A 74 0.28 17.28 16.54
N LEU A 75 0.35 18.54 16.97
CA LEU A 75 0.50 19.64 16.04
C LEU A 75 1.84 19.57 15.30
N MET A 76 2.92 19.22 16.01
CA MET A 76 4.20 19.03 15.34
C MET A 76 4.14 17.90 14.32
N SER A 77 3.42 16.83 14.64
CA SER A 77 3.23 15.74 13.68
C SER A 77 2.51 16.22 12.43
N ILE A 78 1.46 17.03 12.62
CA ILE A 78 0.69 17.55 11.49
C ILE A 78 1.54 18.47 10.63
N ILE A 79 2.35 19.33 11.28
CA ILE A 79 3.26 20.22 10.56
C ILE A 79 4.24 19.40 9.73
N SER A 80 4.81 18.36 10.35
CA SER A 80 5.77 17.51 9.64
C SER A 80 5.12 16.85 8.43
N THR A 81 3.90 16.33 8.59
CA THR A 81 3.20 15.69 7.48
C THR A 81 2.95 16.67 6.36
N PHE A 82 2.45 17.88 6.69
CA PHE A 82 2.22 18.89 5.68
C PHE A 82 3.50 19.19 4.90
N HIS A 83 4.60 19.46 5.61
CA HIS A 83 5.83 19.83 4.92
C HIS A 83 6.38 18.67 4.10
N LEU A 84 6.32 17.45 4.62
CA LEU A 84 6.84 16.31 3.87
C LEU A 84 5.96 15.96 2.68
N SER A 85 4.74 16.48 2.63
CA SER A 85 3.86 16.22 1.50
C SER A 85 4.07 17.20 0.34
N ILE A 86 4.79 18.29 0.53
CA ILE A 86 5.02 19.25 -0.56
C ILE A 86 5.88 18.61 -1.64
N PRO A 87 5.50 18.68 -2.92
CA PRO A 87 6.34 18.11 -3.99
C PRO A 87 7.44 19.07 -4.42
N ASN A 88 8.67 18.55 -4.52
CA ASN A 88 9.80 19.23 -5.16
C ASN A 88 10.23 20.52 -4.43
N PHE A 89 10.02 20.57 -3.12
CA PHE A 89 10.44 21.73 -2.33
C PHE A 89 11.96 21.85 -2.33
N ASN A 90 12.48 22.97 -2.86
CA ASN A 90 13.92 23.13 -3.00
C ASN A 90 14.44 24.53 -2.68
N GLN A 91 13.65 25.38 -2.01
CA GLN A 91 14.06 26.75 -1.68
C GLN A 91 13.85 26.94 -0.17
N TYR A 92 14.86 26.61 0.62
CA TYR A 92 14.70 26.63 2.08
C TYR A 92 14.45 28.03 2.65
N GLU A 93 14.91 29.10 2.00
CA GLU A 93 14.58 30.43 2.52
C GLU A 93 13.10 30.76 2.42
N ALA A 94 12.34 30.05 1.58
CA ALA A 94 10.93 30.35 1.45
C ALA A 94 10.12 29.92 2.67
N MET A 95 10.72 29.17 3.60
CA MET A 95 10.03 28.67 4.78
C MET A 95 10.70 29.26 6.02
N SER A 96 9.92 29.95 6.83
CA SER A 96 10.40 30.51 8.09
C SER A 96 9.49 30.03 9.22
N CYS A 97 10.05 29.99 10.44
CA CYS A 97 9.30 29.41 11.55
C CYS A 97 9.64 30.15 12.82
N ASP A 98 8.73 30.07 13.78
CA ASP A 98 8.93 30.52 15.15
C ASP A 98 8.31 29.49 16.08
N PHE A 99 9.12 28.97 17.02
CA PHE A 99 8.68 27.94 17.95
C PHE A 99 8.90 28.31 19.41
N ASN A 100 9.23 29.57 19.72
CA ASN A 100 9.58 29.91 21.10
C ASN A 100 8.41 29.68 22.04
N GLY A 101 8.71 29.13 23.21
CA GLY A 101 7.68 28.85 24.19
C GLY A 101 6.75 27.71 23.85
N GLY A 102 7.08 26.87 22.87
CA GLY A 102 6.18 25.80 22.50
C GLY A 102 5.13 26.19 21.50
N LYS A 103 5.07 27.46 21.13
CA LYS A 103 4.19 27.97 20.09
C LYS A 103 4.56 27.40 18.73
N ILE A 104 3.62 27.49 17.78
CA ILE A 104 3.85 27.07 16.39
C ILE A 104 3.50 28.22 15.46
N SER A 105 4.49 28.71 14.73
CA SER A 105 4.28 29.68 13.65
C SER A 105 5.10 29.27 12.44
N VAL A 106 4.44 29.03 11.30
CA VAL A 106 5.14 28.64 10.08
C VAL A 106 4.67 29.57 8.96
N GLN A 107 5.62 30.10 8.19
CA GLN A 107 5.31 31.05 7.14
C GLN A 107 6.00 30.65 5.83
N TYR A 108 5.20 30.35 4.82
CA TYR A 108 5.67 30.06 3.47
C TYR A 108 5.55 31.30 2.61
N ASN A 109 6.66 31.72 2.00
CA ASN A 109 6.71 32.93 1.18
C ASN A 109 6.47 32.50 -0.27
N LEU A 110 5.29 32.79 -0.79
CA LEU A 110 4.87 32.33 -2.11
C LEU A 110 5.25 33.25 -3.25
N SER A 111 5.93 34.36 -2.98
CA SER A 111 6.25 35.31 -4.04
C SER A 111 7.26 34.72 -5.01
N HIS A 112 7.18 35.16 -6.26
CA HIS A 112 8.07 34.66 -7.31
C HIS A 112 9.16 35.68 -7.61
N ASN A 120 8.51 29.00 -15.96
CA ASN A 120 7.12 28.60 -15.80
C ASN A 120 6.69 28.69 -14.34
N HIS A 121 5.40 28.99 -14.12
CA HIS A 121 4.89 29.12 -12.76
C HIS A 121 4.70 27.77 -12.07
N CYS A 122 4.67 26.68 -12.85
CA CYS A 122 4.43 25.35 -12.28
C CYS A 122 5.59 24.87 -11.44
N GLY A 123 6.82 25.13 -11.87
CA GLY A 123 7.98 24.68 -11.14
C GLY A 123 8.45 25.67 -10.09
N THR A 124 7.53 26.05 -9.20
CA THR A 124 7.81 27.02 -8.14
C THR A 124 7.29 26.47 -6.82
N VAL A 125 7.89 26.94 -5.73
CA VAL A 125 7.45 26.57 -4.39
C VAL A 125 5.98 26.92 -4.17
N ALA A 126 5.54 28.06 -4.72
CA ALA A 126 4.15 28.49 -4.54
C ALA A 126 3.17 27.42 -5.00
N ASN A 127 3.44 26.82 -6.16
CA ASN A 127 2.53 25.82 -6.73
C ASN A 127 2.45 24.58 -5.83
N GLY A 128 3.60 24.08 -5.39
CA GLY A 128 3.60 22.88 -4.55
C GLY A 128 2.93 23.13 -3.21
N VAL A 129 3.23 24.26 -2.59
CA VAL A 129 2.63 24.61 -1.32
C VAL A 129 1.12 24.73 -1.47
N LEU A 130 0.67 25.36 -2.57
CA LEU A 130 -0.75 25.56 -2.79
C LEU A 130 -1.47 24.25 -3.09
N GLN A 131 -0.84 23.33 -3.82
CA GLN A 131 -1.44 22.02 -4.01
C GLN A 131 -1.59 21.28 -2.69
N THR A 132 -0.56 21.32 -1.84
CA THR A 132 -0.69 20.70 -0.52
C THR A 132 -1.80 21.33 0.30
N PHE A 133 -1.91 22.66 0.26
CA PHE A 133 -2.97 23.35 0.99
C PHE A 133 -4.35 22.98 0.47
N MET A 134 -4.51 22.87 -0.86
CA MET A 134 -5.76 22.44 -1.47
C MET A 134 -6.15 21.03 -1.03
N ARG A 135 -5.18 20.12 -0.99
CA ARG A 135 -5.40 18.74 -0.58
C ARG A 135 -5.76 18.60 0.89
N MET A 136 -5.09 19.32 1.79
CA MET A 136 -5.31 19.13 3.21
C MET A 136 -6.74 19.46 3.63
N ALA A 137 -7.32 20.55 3.14
CA ALA A 137 -8.69 20.81 3.54
C ALA A 137 -9.71 20.30 2.53
N TRP A 138 -9.39 20.37 1.24
CA TRP A 138 -10.30 19.91 0.20
C TRP A 138 -11.73 20.44 0.37
N GLY A 139 -11.83 21.76 0.52
CA GLY A 139 -13.09 22.37 0.89
C GLY A 139 -13.82 23.00 -0.28
N GLY A 140 -13.41 22.66 -1.50
CA GLY A 140 -13.96 23.28 -2.68
C GLY A 140 -13.27 24.57 -3.07
N GLY A 148 -4.39 31.82 -11.22
CA GLY A 148 -5.51 31.07 -11.75
C GLY A 148 -5.15 29.67 -12.23
N ARG A 149 -6.02 29.09 -13.05
CA ARG A 149 -5.84 27.73 -13.50
C ARG A 149 -4.59 27.56 -14.36
N GLY A 150 -3.75 26.62 -13.96
CA GLY A 150 -2.48 26.34 -14.60
C GLY A 150 -2.54 25.08 -15.45
N ASN A 151 -1.43 24.79 -16.13
CA ASN A 151 -1.37 23.59 -16.93
C ASN A 151 -1.28 22.37 -16.03
N TRP A 152 -1.87 21.27 -16.50
CA TRP A 152 -1.92 20.01 -15.74
C TRP A 152 -2.61 20.34 -14.42
N ASP A 153 -2.03 19.97 -13.27
CA ASP A 153 -2.62 20.18 -11.96
C ASP A 153 -2.15 21.49 -11.29
N CYS A 154 -1.62 22.43 -12.07
CA CYS A 154 -0.92 23.58 -11.52
C CYS A 154 -1.89 24.60 -10.91
N ILE A 155 -1.50 25.17 -9.76
CA ILE A 155 -2.32 26.13 -9.00
C ILE A 155 -1.56 27.43 -8.87
N MET A 156 -2.24 28.56 -9.10
CA MET A 156 -1.67 29.86 -8.76
C MET A 156 -2.68 30.79 -8.09
N THR A 157 -2.23 31.54 -7.09
CA THR A 157 -3.03 32.56 -6.43
C THR A 157 -2.26 33.88 -6.40
N SER A 158 -2.95 34.94 -5.98
CA SER A 158 -2.37 36.27 -5.84
C SER A 158 -1.81 36.57 -4.45
N TYR A 159 -1.88 35.61 -3.53
CA TYR A 159 -1.40 35.82 -2.17
C TYR A 159 0.11 35.68 -2.08
N GLN A 160 0.71 36.45 -1.17
CA GLN A 160 2.14 36.44 -0.97
C GLN A 160 2.62 35.52 0.14
N TYR A 161 1.74 35.04 1.02
CA TYR A 161 2.20 34.24 2.15
C TYR A 161 1.13 33.23 2.54
N LEU A 162 1.60 32.09 3.04
CA LEU A 162 0.75 31.10 3.72
C LEU A 162 1.25 30.95 5.14
N ILE A 163 0.38 31.24 6.12
CA ILE A 163 0.76 31.28 7.52
C ILE A 163 -0.04 30.22 8.27
N ILE A 164 0.66 29.44 9.09
CA ILE A 164 0.08 28.36 9.87
C ILE A 164 0.38 28.64 11.34
N GLN A 165 -0.66 28.89 12.14
CA GLN A 165 -0.48 29.17 13.56
C GLN A 165 -1.46 28.36 14.41
N ASN A 166 -1.05 28.02 15.62
CA ASN A 166 -1.95 27.32 16.53
C ASN A 166 -3.11 28.22 16.96
N THR A 167 -4.20 27.58 17.33
CA THR A 167 -5.42 28.29 17.73
C THR A 167 -6.22 27.38 18.64
N THR A 168 -7.17 27.98 19.35
CA THR A 168 -8.10 27.26 20.21
C THR A 168 -9.36 26.96 19.43
N TRP A 169 -10.16 26.04 19.96
CA TRP A 169 -11.35 25.60 19.24
C TRP A 169 -12.36 26.73 19.12
N GLU A 170 -12.99 26.80 17.96
CA GLU A 170 -14.06 27.75 17.67
C GLU A 170 -14.83 27.23 16.46
N ASP A 171 -16.06 27.71 16.32
CA ASP A 171 -16.91 27.27 15.22
C ASP A 171 -16.46 28.00 13.97
N HIS A 172 -15.54 27.39 13.21
CA HIS A 172 -14.94 28.04 12.05
C HIS A 172 -15.54 27.58 10.73
N CYS A 173 -16.37 26.55 10.73
CA CYS A 173 -16.74 25.84 9.50
C CYS A 173 -17.98 26.41 8.80
N GLN A 174 -17.88 27.66 8.35
CA GLN A 174 -19.01 28.26 7.64
C GLN A 174 -19.15 27.76 6.20
N PHE A 175 -18.05 27.48 5.50
CA PHE A 175 -18.10 27.10 4.11
C PHE A 175 -18.10 25.59 3.87
N SER A 176 -17.36 24.82 4.65
CA SER A 176 -17.34 23.38 4.49
C SER A 176 -17.43 22.69 5.84
N ARG A 177 -18.09 21.53 5.84
CA ARG A 177 -18.25 20.73 7.04
C ARG A 177 -16.92 20.12 7.49
N PRO A 178 -16.70 19.95 8.79
CA PRO A 178 -15.48 19.28 9.25
C PRO A 178 -15.41 17.85 8.72
N SER A 179 -14.21 17.43 8.34
CA SER A 179 -14.01 16.13 7.73
C SER A 179 -12.60 15.64 7.97
N PRO A 180 -12.38 14.35 8.20
CA PRO A 180 -11.02 13.82 8.33
C PRO A 180 -10.35 13.40 7.02
N ILE A 181 -11.06 13.52 5.89
CA ILE A 181 -10.60 12.91 4.65
C ILE A 181 -9.28 13.52 4.18
N GLY A 182 -9.16 14.84 4.24
CA GLY A 182 -7.96 15.50 3.72
C GLY A 182 -6.68 15.08 4.41
N TYR A 183 -6.68 15.09 5.75
CA TYR A 183 -5.49 14.68 6.51
C TYR A 183 -5.13 13.23 6.20
N LEU A 184 -6.11 12.34 6.28
CA LEU A 184 -5.87 10.91 6.04
C LEU A 184 -5.32 10.68 4.64
N GLY A 185 -5.90 11.35 3.64
CA GLY A 185 -5.37 11.24 2.29
C GLY A 185 -3.95 11.76 2.17
N LEU A 186 -3.64 12.85 2.86
CA LEU A 186 -2.28 13.39 2.82
C LEU A 186 -1.27 12.49 3.49
N LEU A 187 -1.71 11.64 4.43
CA LEU A 187 -0.78 10.74 5.12
C LEU A 187 0.04 9.91 4.14
N SER A 188 -0.57 9.44 3.06
CA SER A 188 0.14 8.63 2.07
C SER A 188 1.10 9.45 1.20
N GLN A 189 0.90 10.76 1.11
CA GLN A 189 1.75 11.60 0.26
C GLN A 189 3.13 11.85 0.87
N ARG A 190 3.31 11.64 2.18
CA ARG A 190 4.57 11.93 2.86
C ARG A 190 5.79 11.35 2.13
N THR A 191 6.81 12.22 1.95
CA THR A 191 8.11 11.87 1.37
C THR A 191 8.06 11.36 -0.06
N ARG A 192 6.88 11.35 -0.67
CA ARG A 192 6.71 10.78 -2.00
C ARG A 192 7.44 11.58 -3.08
N ASP A 193 7.62 12.88 -2.89
CA ASP A 193 8.19 13.76 -3.91
C ASP A 193 9.30 14.65 -3.35
N ILE A 194 10.02 14.19 -2.33
CA ILE A 194 11.14 14.93 -1.79
C ILE A 194 12.41 14.69 -2.61
N TYR A 195 13.20 15.74 -2.76
CA TYR A 195 14.51 15.67 -3.40
C TYR A 195 15.57 15.16 -2.42
N ILE A 196 16.63 14.58 -2.98
CA ILE A 196 17.82 14.24 -2.20
C ILE A 196 18.66 15.50 -2.00
N SER A 197 19.14 15.72 -0.78
CA SER A 197 20.05 16.82 -0.50
C SER A 197 21.45 16.36 -0.13
N ARG A 198 21.65 15.07 0.08
CA ARG A 198 22.97 14.48 0.28
C ARG A 198 22.93 13.03 -0.18
N ARG A 199 24.12 12.46 -0.30
CA ARG A 199 24.25 11.10 -0.81
C ARG A 199 23.86 10.07 0.24
N LEU A 200 24.11 10.34 1.52
CA LEU A 200 23.80 9.44 2.62
C LEU A 200 22.66 10.01 3.46
N LEU A 201 21.44 9.55 3.24
CA LEU A 201 20.30 10.08 3.96
C LEU A 201 20.45 9.80 5.46
N GLY B 1 -1.68 -2.84 1.14
CA GLY B 1 -2.57 -3.95 1.43
C GLY B 1 -4.03 -3.57 1.28
N THR B 2 -4.89 -4.30 1.99
CA THR B 2 -6.33 -4.10 1.93
C THR B 2 -6.88 -3.90 3.34
N PHE B 3 -8.00 -3.20 3.42
CA PHE B 3 -8.67 -2.99 4.71
C PHE B 3 -9.06 -4.32 5.34
N THR B 4 -9.14 -4.33 6.69
CA THR B 4 -9.41 -5.56 7.43
C THR B 4 -10.40 -5.40 8.58
N TRP B 5 -10.76 -4.19 9.00
CA TRP B 5 -11.63 -3.98 10.16
C TRP B 5 -13.00 -4.63 10.00
N THR B 6 -13.31 -5.58 10.89
CA THR B 6 -14.66 -6.15 10.97
C THR B 6 -15.59 -5.21 11.74
N LEU B 7 -16.76 -4.92 11.18
CA LEU B 7 -17.76 -4.14 11.89
C LEU B 7 -18.27 -4.88 13.13
N SER B 8 -18.41 -4.14 14.24
CA SER B 8 -18.99 -4.71 15.45
C SER B 8 -20.49 -4.97 15.27
N ASP B 9 -21.01 -5.89 16.08
CA ASP B 9 -22.40 -6.29 15.98
C ASP B 9 -23.37 -5.14 16.22
N SER B 10 -24.40 -5.09 15.37
CA SER B 10 -25.43 -4.04 15.44
C SER B 10 -26.23 -4.13 16.73
N GLU B 11 -26.46 -2.97 17.35
CA GLU B 11 -27.29 -2.93 18.56
C GLU B 11 -28.72 -3.34 18.27
N GLY B 12 -29.28 -2.86 17.16
CA GLY B 12 -30.68 -3.15 16.83
C GLY B 12 -30.85 -4.60 16.41
N LYS B 13 -31.84 -5.28 17.01
CA LYS B 13 -32.17 -6.64 16.63
C LYS B 13 -32.92 -6.74 15.32
N ASP B 14 -33.50 -5.63 14.84
CA ASP B 14 -34.21 -5.66 13.55
C ASP B 14 -33.27 -6.08 12.43
N THR B 15 -32.01 -5.64 12.47
CA THR B 15 -30.98 -6.03 11.52
C THR B 15 -29.98 -6.93 12.23
N PRO B 16 -30.19 -8.25 12.24
CA PRO B 16 -29.31 -9.13 13.03
C PRO B 16 -27.83 -8.98 12.73
N GLY B 17 -27.45 -8.98 11.46
CA GLY B 17 -26.05 -8.87 11.08
C GLY B 17 -25.70 -7.59 10.37
N GLY B 18 -26.52 -6.55 10.53
CA GLY B 18 -26.30 -5.29 9.86
C GLY B 18 -25.55 -4.28 10.70
N TYR B 19 -25.86 -3.01 10.50
CA TYR B 19 -25.20 -1.94 11.25
C TYR B 19 -26.17 -0.79 11.41
N CYS B 20 -26.08 -0.10 12.55
CA CYS B 20 -27.00 0.98 12.88
C CYS B 20 -26.24 2.28 13.06
N LEU B 21 -26.72 3.35 12.45
CA LEU B 21 -26.21 4.69 12.68
C LEU B 21 -27.14 5.42 13.65
N THR B 22 -26.61 5.75 14.82
CA THR B 22 -27.38 6.41 15.87
C THR B 22 -27.63 7.88 15.53
N ARG B 23 -28.38 8.55 16.40
CA ARG B 23 -28.74 9.96 16.17
C ARG B 23 -27.51 10.85 16.12
N TRP B 24 -26.45 10.51 16.85
CA TRP B 24 -25.26 11.35 16.87
C TRP B 24 -24.48 11.27 15.57
N MET B 25 -24.48 10.12 14.90
CA MET B 25 -23.69 9.96 13.69
C MET B 25 -24.34 10.58 12.47
N LEU B 26 -25.56 11.08 12.60
CA LEU B 26 -26.31 11.63 11.47
C LEU B 26 -26.74 13.06 11.77
N ILE B 27 -26.86 13.85 10.70
CA ILE B 27 -27.24 15.25 10.85
C ILE B 27 -28.72 15.36 11.23
N GLU B 28 -29.58 14.51 10.65
CA GLU B 28 -31.00 14.52 10.97
C GLU B 28 -31.32 13.93 12.34
N ALA B 29 -30.30 13.56 13.12
CA ALA B 29 -30.43 13.09 14.49
C ALA B 29 -31.48 11.99 14.69
N GLU B 30 -31.48 11.00 13.81
CA GLU B 30 -32.38 9.84 13.95
C GLU B 30 -31.55 8.58 13.82
N LEU B 31 -32.21 7.45 14.01
CA LEU B 31 -31.56 6.14 13.94
C LEU B 31 -31.91 5.44 12.65
N LYS B 32 -30.89 5.00 11.92
CA LYS B 32 -31.06 4.24 10.69
C LYS B 32 -30.25 2.96 10.73
N CYS B 33 -30.95 1.84 10.66
CA CYS B 33 -30.34 0.52 10.72
C CYS B 33 -30.43 -0.12 9.34
N PHE B 34 -29.29 -0.59 8.85
CA PHE B 34 -29.19 -1.27 7.57
C PHE B 34 -28.95 -2.76 7.79
N GLY B 35 -29.61 -3.57 6.97
CA GLY B 35 -29.63 -5.00 7.14
C GLY B 35 -28.32 -5.69 6.79
N ASN B 36 -28.31 -6.99 7.08
CA ASN B 36 -27.12 -7.80 6.86
C ASN B 36 -26.72 -7.85 5.39
N THR B 37 -27.69 -7.90 4.48
CA THR B 37 -27.36 -7.99 3.06
C THR B 37 -26.54 -6.79 2.60
N ALA B 38 -27.01 -5.58 2.91
CA ALA B 38 -26.27 -4.39 2.49
C ALA B 38 -24.91 -4.28 3.19
N VAL B 39 -24.85 -4.62 4.47
CA VAL B 39 -23.63 -4.46 5.24
C VAL B 39 -22.60 -5.53 4.86
N ALA B 40 -23.06 -6.68 4.38
CA ALA B 40 -22.18 -7.74 3.94
C ALA B 40 -21.37 -7.36 2.72
N LYS B 41 -21.92 -6.51 1.85
CA LYS B 41 -21.15 -6.06 0.69
C LYS B 41 -19.89 -5.32 1.11
N CYS B 42 -19.94 -4.65 2.26
CA CYS B 42 -18.82 -3.89 2.79
C CYS B 42 -17.62 -4.75 3.12
N ASN B 43 -17.79 -6.07 3.30
CA ASN B 43 -16.65 -6.93 3.57
C ASN B 43 -15.85 -7.28 2.32
N GLU B 44 -16.43 -7.18 1.13
CA GLU B 44 -15.74 -7.62 -0.09
C GLU B 44 -15.50 -6.52 -1.11
N LYS B 45 -16.25 -5.43 -1.08
CA LYS B 45 -16.10 -4.38 -2.08
C LYS B 45 -14.93 -3.49 -1.68
N HIS B 46 -14.27 -2.90 -2.68
CA HIS B 46 -13.13 -2.01 -2.45
C HIS B 46 -13.39 -0.55 -2.81
N ASP B 47 -14.52 -0.22 -3.43
CA ASP B 47 -14.77 1.14 -3.92
C ASP B 47 -16.01 1.79 -3.31
N GLU B 48 -16.50 1.30 -2.19
CA GLU B 48 -17.69 1.85 -1.52
C GLU B 48 -17.27 2.83 -0.41
N GLU B 49 -17.34 4.13 -0.71
CA GLU B 49 -17.03 5.17 0.28
C GLU B 49 -17.81 4.98 1.59
N PHE B 50 -19.08 4.59 1.49
CA PHE B 50 -19.92 4.44 2.67
C PHE B 50 -19.37 3.37 3.61
N CYS B 51 -18.84 2.27 3.05
CA CYS B 51 -18.29 1.23 3.90
C CYS B 51 -16.99 1.68 4.59
N ASP B 52 -16.28 2.63 3.99
CA ASP B 52 -15.09 3.17 4.64
C ASP B 52 -15.48 4.10 5.77
N MET B 53 -16.54 4.88 5.57
CA MET B 53 -17.01 5.73 6.65
C MET B 53 -17.58 4.90 7.79
N LEU B 54 -18.27 3.80 7.48
CA LEU B 54 -18.74 2.88 8.51
C LEU B 54 -17.58 2.32 9.33
N ARG B 55 -16.50 1.90 8.66
CA ARG B 55 -15.35 1.39 9.39
C ARG B 55 -14.73 2.47 10.27
N LEU B 56 -14.65 3.71 9.75
CA LEU B 56 -14.13 4.81 10.56
C LEU B 56 -14.95 5.01 11.83
N PHE B 57 -16.27 5.12 11.68
CA PHE B 57 -17.13 5.34 12.84
C PHE B 57 -17.04 4.19 13.83
N ASP B 58 -17.01 2.95 13.34
CA ASP B 58 -16.92 1.80 14.25
C ASP B 58 -15.59 1.80 15.00
N PHE B 59 -14.48 2.09 14.30
CA PHE B 59 -13.20 2.23 14.98
C PHE B 59 -13.25 3.31 16.05
N ASN B 60 -13.84 4.47 15.72
CA ASN B 60 -13.96 5.54 16.70
C ASN B 60 -14.67 5.05 17.96
N LYS B 61 -15.85 4.44 17.78
CA LYS B 61 -16.62 3.97 18.93
C LYS B 61 -15.83 2.94 19.75
N GLN B 62 -15.23 1.95 19.08
CA GLN B 62 -14.49 0.92 19.82
C GLN B 62 -13.30 1.51 20.56
N ALA B 63 -12.59 2.45 19.93
CA ALA B 63 -11.47 3.10 20.60
C ALA B 63 -11.93 3.88 21.82
N ILE B 64 -13.06 4.60 21.70
CA ILE B 64 -13.57 5.37 22.84
C ILE B 64 -14.01 4.44 23.96
N GLN B 65 -14.49 3.24 23.63
CA GLN B 65 -15.03 2.37 24.67
C GLN B 65 -13.97 1.49 25.34
N ARG B 66 -13.00 0.98 24.57
CA ARG B 66 -12.03 0.03 25.11
C ARG B 66 -10.74 0.67 25.60
N LEU B 67 -10.40 1.87 25.13
CA LEU B 67 -9.23 2.59 25.57
C LEU B 67 -9.65 3.76 26.47
N LYS B 68 -8.82 4.08 27.45
CA LYS B 68 -9.06 5.21 28.33
C LYS B 68 -8.87 6.52 27.55
N ALA B 69 -9.97 7.15 27.18
CA ALA B 69 -9.92 8.40 26.43
C ALA B 69 -9.43 9.55 27.30
N GLU B 70 -8.56 10.39 26.73
CA GLU B 70 -8.15 11.64 27.33
C GLU B 70 -8.21 12.72 26.26
N ALA B 71 -8.20 13.99 26.72
CA ALA B 71 -8.36 15.09 25.78
C ALA B 71 -7.16 15.22 24.84
N GLN B 72 -5.95 15.14 25.38
CA GLN B 72 -4.76 14.98 24.54
C GLN B 72 -4.95 13.79 23.60
N MET B 73 -4.64 13.98 22.32
CA MET B 73 -4.98 12.99 21.31
C MET B 73 -3.81 12.08 20.97
N SER B 74 -4.14 10.81 20.72
CA SER B 74 -3.17 9.80 20.27
C SER B 74 -3.20 9.70 18.75
N ILE B 75 -2.71 10.76 18.10
CA ILE B 75 -2.56 10.84 16.65
C ILE B 75 -1.95 9.55 16.10
N GLN B 76 -0.97 9.01 16.82
CA GLN B 76 -0.29 7.78 16.39
C GLN B 76 -1.26 6.63 16.15
N LEU B 77 -2.29 6.50 16.99
CA LEU B 77 -3.23 5.38 16.86
C LEU B 77 -3.91 5.39 15.50
N ILE B 78 -4.51 6.51 15.12
CA ILE B 78 -5.16 6.59 13.80
C ILE B 78 -4.12 6.52 12.70
N ASN B 79 -2.94 7.10 12.92
CA ASN B 79 -1.88 7.03 11.91
C ASN B 79 -1.55 5.58 11.56
N LYS B 80 -1.47 4.71 12.56
CA LYS B 80 -1.19 3.29 12.27
C LYS B 80 -2.42 2.53 11.77
N ALA B 81 -3.63 2.87 12.25
CA ALA B 81 -4.83 2.12 11.86
C ALA B 81 -5.43 2.51 10.50
N VAL B 82 -5.03 3.66 9.94
CA VAL B 82 -5.76 4.25 8.81
C VAL B 82 -5.90 3.26 7.66
N ASN B 83 -4.80 2.66 7.22
CA ASN B 83 -4.87 1.75 6.08
C ASN B 83 -5.57 0.44 6.40
N ALA B 84 -5.66 0.07 7.68
CA ALA B 84 -6.51 -1.04 8.06
C ALA B 84 -7.98 -0.67 8.04
N LEU B 85 -8.30 0.62 8.02
CA LEU B 85 -9.70 1.07 8.06
C LEU B 85 -10.26 1.48 6.71
N ILE B 86 -9.48 2.17 5.87
CA ILE B 86 -10.01 2.76 4.63
C ILE B 86 -9.04 2.53 3.48
N ASN B 87 -9.58 2.60 2.27
CA ASN B 87 -8.76 2.60 1.05
C ASN B 87 -8.43 4.06 0.72
N ASP B 88 -7.17 4.46 0.95
CA ASP B 88 -6.72 5.81 0.62
C ASP B 88 -6.76 6.11 -0.88
N GLN B 89 -6.83 5.07 -1.71
CA GLN B 89 -6.86 5.29 -3.14
C GLN B 89 -8.24 5.76 -3.60
N LEU B 90 -9.31 5.26 -2.98
CA LEU B 90 -10.62 5.89 -3.13
C LEU B 90 -10.58 7.41 -2.93
N ILE B 91 -9.91 7.87 -1.86
CA ILE B 91 -9.70 9.30 -1.66
C ILE B 91 -8.94 9.91 -2.83
N MET B 92 -7.86 9.25 -3.27
CA MET B 92 -7.08 9.78 -4.39
C MET B 92 -7.94 9.87 -5.66
N LYS B 93 -8.81 8.88 -5.87
CA LYS B 93 -9.72 8.89 -7.01
C LYS B 93 -10.66 10.09 -6.97
N ASN B 94 -11.22 10.38 -5.80
CA ASN B 94 -12.11 11.52 -5.70
C ASN B 94 -11.36 12.84 -5.90
N HIS B 95 -10.12 12.92 -5.41
CA HIS B 95 -9.31 14.09 -5.67
C HIS B 95 -9.04 14.27 -7.17
N LEU B 96 -8.70 13.17 -7.85
CA LEU B 96 -8.42 13.23 -9.27
C LEU B 96 -9.65 13.63 -10.07
N ARG B 97 -10.82 13.10 -9.69
CA ARG B 97 -12.06 13.50 -10.33
C ARG B 97 -12.33 14.98 -10.12
N ASP B 98 -12.06 15.47 -8.91
CA ASP B 98 -12.26 16.88 -8.61
C ASP B 98 -11.38 17.77 -9.49
N ILE B 99 -10.08 17.49 -9.57
CA ILE B 99 -9.21 18.37 -10.32
C ILE B 99 -9.44 18.29 -11.83
N MET B 100 -10.03 17.22 -12.34
CA MET B 100 -10.37 17.11 -13.75
C MET B 100 -11.77 17.62 -14.09
N GLY B 101 -12.49 18.20 -13.14
CA GLY B 101 -13.84 18.70 -13.37
C GLY B 101 -14.95 17.67 -13.44
N ILE B 102 -14.73 16.44 -13.02
CA ILE B 102 -15.75 15.40 -12.98
C ILE B 102 -16.44 15.48 -11.62
N PRO B 103 -17.76 15.29 -11.54
CA PRO B 103 -18.41 15.28 -10.22
C PRO B 103 -17.81 14.21 -9.31
N TYR B 104 -17.64 14.57 -8.04
CA TYR B 104 -16.88 13.76 -7.11
C TYR B 104 -17.60 13.68 -5.77
N CYS B 105 -17.17 12.72 -4.96
CA CYS B 105 -17.76 12.49 -3.64
C CYS B 105 -16.97 13.21 -2.56
N ASN B 106 -17.65 14.01 -1.75
CA ASN B 106 -17.01 14.68 -0.62
C ASN B 106 -17.42 14.05 0.71
N TYR B 107 -17.89 12.80 0.68
CA TYR B 107 -18.18 11.94 1.82
C TYR B 107 -19.23 12.48 2.79
N SER B 108 -19.92 13.56 2.45
CA SER B 108 -20.94 14.07 3.37
C SER B 108 -22.27 13.36 3.22
N LYS B 109 -22.77 13.23 2.00
CA LYS B 109 -24.17 12.88 1.75
C LYS B 109 -24.27 11.61 0.93
N TYR B 110 -25.27 10.78 1.25
CA TYR B 110 -25.48 9.49 0.60
C TYR B 110 -26.96 9.29 0.37
N TRP B 111 -27.28 8.62 -0.74
CA TRP B 111 -28.65 8.25 -1.10
C TRP B 111 -28.78 6.74 -1.17
N TYR B 112 -30.00 6.27 -0.93
CA TYR B 112 -30.32 4.85 -1.02
C TYR B 112 -31.80 4.68 -1.29
N LEU B 113 -32.17 3.50 -1.78
CA LEU B 113 -33.56 3.17 -2.01
C LEU B 113 -34.13 2.42 -0.81
N ASN B 114 -35.42 2.61 -0.57
CA ASN B 114 -36.14 1.96 0.50
C ASN B 114 -37.38 1.27 -0.06
N HIS B 115 -37.47 -0.03 0.13
CA HIS B 115 -38.67 -0.79 -0.25
C HIS B 115 -39.66 -0.61 0.89
N THR B 116 -40.49 0.44 0.75
CA THR B 116 -41.39 0.90 1.80
C THR B 116 -42.07 -0.22 2.59
N THR B 117 -42.79 -1.10 1.88
CA THR B 117 -43.57 -2.15 2.52
C THR B 117 -42.74 -2.99 3.50
N THR B 118 -41.58 -3.47 3.05
CA THR B 118 -40.77 -4.37 3.88
C THR B 118 -39.78 -3.64 4.77
N GLY B 119 -39.30 -2.48 4.34
CA GLY B 119 -38.26 -1.74 5.04
C GLY B 119 -36.84 -2.09 4.66
N ARG B 120 -36.63 -3.07 3.79
CA ARG B 120 -35.29 -3.37 3.31
C ARG B 120 -34.79 -2.26 2.40
N THR B 121 -33.47 -2.03 2.44
CA THR B 121 -32.86 -0.94 1.69
C THR B 121 -31.65 -1.45 0.94
N SER B 122 -31.08 -0.57 0.12
CA SER B 122 -29.82 -0.83 -0.58
C SER B 122 -28.68 -0.13 0.14
N LEU B 123 -27.46 -0.49 -0.23
CA LEU B 123 -26.27 0.13 0.34
C LEU B 123 -26.18 1.58 -0.12
N PRO B 124 -26.12 2.55 0.79
CA PRO B 124 -26.05 3.96 0.38
C PRO B 124 -24.84 4.25 -0.49
N LYS B 125 -25.05 5.08 -1.52
CA LYS B 125 -23.99 5.55 -2.39
C LYS B 125 -23.83 7.06 -2.27
N CYS B 126 -22.61 7.53 -2.44
CA CYS B 126 -22.30 8.94 -2.24
C CYS B 126 -23.07 9.81 -3.23
N TRP B 127 -23.64 10.90 -2.73
CA TRP B 127 -24.24 11.95 -3.55
C TRP B 127 -23.12 12.88 -4.04
N LEU B 128 -22.87 12.88 -5.35
CA LEU B 128 -21.73 13.61 -5.87
C LEU B 128 -21.99 15.12 -5.88
N VAL B 129 -20.90 15.89 -5.87
CA VAL B 129 -20.91 17.34 -5.94
C VAL B 129 -20.14 17.81 -7.16
N SER B 130 -20.48 19.01 -7.62
CA SER B 130 -19.74 19.65 -8.71
C SER B 130 -20.02 21.15 -8.66
N ASN B 131 -18.99 21.95 -8.89
CA ASN B 131 -19.11 23.42 -8.83
C ASN B 131 -19.72 23.91 -7.52
N GLY B 132 -19.37 23.24 -6.41
CA GLY B 132 -19.83 23.67 -5.11
C GLY B 132 -21.25 23.33 -4.73
N SER B 133 -21.96 22.55 -5.53
CA SER B 133 -23.33 22.19 -5.18
C SER B 133 -23.56 20.71 -5.45
N TYR B 134 -24.54 20.16 -4.75
CA TYR B 134 -24.94 18.77 -4.98
C TYR B 134 -25.57 18.62 -6.35
N LEU B 135 -25.27 17.50 -7.00
CA LEU B 135 -25.89 17.18 -8.28
C LEU B 135 -27.40 17.12 -8.14
N ASN B 136 -28.12 17.63 -9.13
CA ASN B 136 -29.56 17.43 -9.16
C ASN B 136 -29.88 15.96 -9.43
N GLU B 137 -30.96 15.49 -8.82
CA GLU B 137 -31.31 14.07 -8.87
C GLU B 137 -31.45 13.58 -10.31
N THR B 138 -31.96 14.43 -11.20
CA THR B 138 -32.17 14.05 -12.60
C THR B 138 -30.86 13.79 -13.34
N HIS B 139 -29.75 14.28 -12.83
CA HIS B 139 -28.44 14.08 -13.45
C HIS B 139 -27.88 12.68 -13.23
N PHE B 140 -28.32 11.97 -12.19
CA PHE B 140 -27.86 10.61 -11.93
C PHE B 140 -29.00 9.62 -11.74
N SER B 141 -30.17 9.92 -12.30
CA SER B 141 -31.34 9.04 -12.15
C SER B 141 -31.09 7.68 -12.79
N ASP B 142 -30.23 7.62 -13.81
CA ASP B 142 -29.89 6.34 -14.43
C ASP B 142 -29.25 5.41 -13.42
N ASP B 143 -28.34 5.92 -12.58
CA ASP B 143 -27.74 5.09 -11.54
C ASP B 143 -28.78 4.59 -10.55
N ILE B 144 -29.75 5.43 -10.18
CA ILE B 144 -30.80 4.98 -9.27
C ILE B 144 -31.59 3.85 -9.91
N GLU B 145 -31.91 4.00 -11.20
CA GLU B 145 -32.64 2.94 -11.90
C GLU B 145 -31.82 1.65 -11.92
N GLN B 146 -30.52 1.77 -12.18
CA GLN B 146 -29.64 0.61 -12.18
C GLN B 146 -29.63 -0.08 -10.81
N GLN B 147 -29.58 0.72 -9.74
CA GLN B 147 -29.58 0.13 -8.40
C GLN B 147 -30.88 -0.64 -8.16
N ALA B 148 -32.00 -0.07 -8.61
CA ALA B 148 -33.28 -0.77 -8.50
C ALA B 148 -33.25 -2.08 -9.28
N ASP B 149 -32.71 -2.04 -10.50
CA ASP B 149 -32.60 -3.23 -11.33
C ASP B 149 -31.80 -4.30 -10.60
N ASN B 150 -30.67 -3.91 -10.00
CA ASN B 150 -29.85 -4.88 -9.29
C ASN B 150 -30.63 -5.47 -8.12
N MET B 151 -31.34 -4.63 -7.36
CA MET B 151 -32.10 -5.13 -6.21
C MET B 151 -33.15 -6.15 -6.63
N ILE B 152 -33.66 -5.98 -7.86
CA ILE B 152 -34.60 -6.96 -8.39
C ILE B 152 -33.85 -8.22 -8.80
N THR B 153 -32.81 -8.07 -9.61
CA THR B 153 -32.18 -9.25 -10.18
C THR B 153 -31.71 -10.14 -9.04
N GLU B 154 -30.94 -9.56 -8.10
CA GLU B 154 -30.41 -10.34 -6.98
C GLU B 154 -31.53 -11.00 -6.19
N MET B 155 -32.63 -10.27 -5.93
CA MET B 155 -33.70 -10.90 -5.14
C MET B 155 -34.29 -12.09 -5.90
N LEU B 156 -34.55 -11.91 -7.20
CA LEU B 156 -35.10 -13.01 -7.99
C LEU B 156 -34.15 -14.20 -7.99
N GLN B 157 -32.84 -13.96 -8.09
CA GLN B 157 -31.90 -15.07 -8.10
C GLN B 157 -31.91 -15.81 -6.77
N LYS B 158 -32.02 -15.06 -5.67
CA LYS B 158 -32.14 -15.72 -4.36
C LYS B 158 -33.40 -16.58 -4.30
N GLU B 159 -34.51 -16.05 -4.81
CA GLU B 159 -35.74 -16.84 -4.81
C GLU B 159 -35.58 -18.10 -5.65
N TYR B 160 -34.91 -17.98 -6.79
CA TYR B 160 -34.65 -19.14 -7.64
C TYR B 160 -33.87 -20.20 -6.88
N MET B 161 -32.76 -19.81 -6.25
CA MET B 161 -31.95 -20.77 -5.51
C MET B 161 -32.76 -21.40 -4.38
N GLU B 162 -33.62 -20.60 -3.74
CA GLU B 162 -34.48 -21.13 -2.68
C GLU B 162 -35.38 -22.24 -3.22
N ARG B 163 -36.12 -21.93 -4.29
CA ARG B 163 -36.93 -22.93 -4.98
C ARG B 163 -36.13 -24.18 -5.31
N GLN B 164 -34.90 -24.00 -5.78
CA GLN B 164 -34.02 -25.13 -6.09
C GLN B 164 -33.74 -25.97 -4.85
N GLY B 165 -33.48 -25.32 -3.71
CA GLY B 165 -33.12 -26.06 -2.52
C GLY B 165 -34.27 -26.87 -1.93
N LYS B 166 -35.45 -26.27 -1.86
CA LYS B 166 -36.61 -26.95 -1.29
C LYS B 166 -36.97 -28.18 -2.14
N GLY C 1 -3.46 0.31 -0.63
CA GLY C 1 -4.85 0.17 -1.01
C GLY C 1 -5.01 -0.58 -2.30
N THR C 2 -6.13 -0.33 -2.98
CA THR C 2 -6.49 -1.01 -4.22
C THR C 2 -6.76 0.01 -5.30
N PHE C 3 -6.56 -0.39 -6.56
CA PHE C 3 -6.86 0.48 -7.68
C PHE C 3 -8.33 0.88 -7.69
N THR C 4 -8.62 2.04 -8.27
CA THR C 4 -9.98 2.58 -8.25
C THR C 4 -10.45 3.19 -9.56
N TRP C 5 -9.57 3.44 -10.54
CA TRP C 5 -9.97 4.11 -11.78
C TRP C 5 -11.05 3.35 -12.54
N THR C 6 -12.20 4.01 -12.73
CA THR C 6 -13.24 3.48 -13.60
C THR C 6 -12.90 3.77 -15.07
N LEU C 7 -12.98 2.75 -15.91
CA LEU C 7 -12.80 2.95 -17.35
C LEU C 7 -13.91 3.83 -17.92
N SER C 8 -13.52 4.77 -18.78
CA SER C 8 -14.48 5.61 -19.47
C SER C 8 -15.26 4.80 -20.51
N ASP C 9 -16.45 5.30 -20.84
CA ASP C 9 -17.34 4.61 -21.77
C ASP C 9 -16.69 4.40 -23.14
N SER C 10 -16.87 3.20 -23.68
CA SER C 10 -16.32 2.85 -24.98
C SER C 10 -16.95 3.68 -26.09
N GLU C 11 -16.10 4.17 -27.00
CA GLU C 11 -16.59 4.93 -28.15
C GLU C 11 -17.45 4.06 -29.07
N GLY C 12 -17.02 2.83 -29.32
CA GLY C 12 -17.77 1.96 -30.22
C GLY C 12 -19.04 1.46 -29.57
N LYS C 13 -20.16 1.59 -30.29
CA LYS C 13 -21.44 1.10 -29.81
C LYS C 13 -21.57 -0.42 -29.91
N ASP C 14 -20.72 -1.08 -30.70
CA ASP C 14 -20.77 -2.54 -30.79
C ASP C 14 -20.59 -3.20 -29.42
N THR C 15 -19.72 -2.63 -28.58
CA THR C 15 -19.51 -3.08 -27.21
C THR C 15 -20.06 -2.02 -26.27
N PRO C 16 -21.34 -2.11 -25.89
CA PRO C 16 -21.95 -1.03 -25.09
C PRO C 16 -21.19 -0.68 -23.82
N GLY C 17 -20.80 -1.67 -23.03
CA GLY C 17 -20.11 -1.41 -21.78
C GLY C 17 -18.68 -1.90 -21.77
N GLY C 18 -18.09 -2.11 -22.93
CA GLY C 18 -16.73 -2.60 -23.04
C GLY C 18 -15.71 -1.50 -23.18
N TYR C 19 -14.61 -1.82 -23.89
CA TYR C 19 -13.56 -0.84 -24.10
C TYR C 19 -12.91 -1.09 -25.46
N CYS C 20 -12.48 -0.02 -26.11
CA CYS C 20 -11.90 -0.09 -27.44
C CYS C 20 -10.49 0.46 -27.43
N LEU C 21 -9.56 -0.28 -28.04
CA LEU C 21 -8.20 0.17 -28.27
C LEU C 21 -8.09 0.67 -29.70
N THR C 22 -7.80 1.97 -29.85
CA THR C 22 -7.73 2.58 -31.17
C THR C 22 -6.45 2.17 -31.90
N ARG C 23 -6.33 2.64 -33.14
CA ARG C 23 -5.20 2.27 -33.99
C ARG C 23 -3.87 2.76 -33.39
N TRP C 24 -3.89 3.86 -32.64
CA TRP C 24 -2.65 4.39 -32.08
C TRP C 24 -2.14 3.53 -30.93
N MET C 25 -3.03 2.92 -30.15
CA MET C 25 -2.62 2.15 -28.98
C MET C 25 -2.09 0.78 -29.32
N LEU C 26 -2.14 0.36 -30.58
CA LEU C 26 -1.73 -0.98 -30.96
C LEU C 26 -0.64 -0.93 -32.03
N ILE C 27 0.21 -1.96 -32.03
CA ILE C 27 1.29 -2.04 -33.01
C ILE C 27 0.74 -2.36 -34.41
N GLU C 28 -0.28 -3.23 -34.48
CA GLU C 28 -0.89 -3.55 -35.77
C GLU C 28 -1.75 -2.43 -36.33
N ALA C 29 -1.78 -1.28 -35.65
CA ALA C 29 -2.48 -0.07 -36.11
C ALA C 29 -3.92 -0.36 -36.54
N GLU C 30 -4.64 -1.14 -35.72
CA GLU C 30 -6.05 -1.44 -35.97
C GLU C 30 -6.86 -1.13 -34.71
N LEU C 31 -8.17 -1.31 -34.82
CA LEU C 31 -9.10 -1.05 -33.73
C LEU C 31 -9.55 -2.39 -33.15
N LYS C 32 -9.44 -2.55 -31.84
CA LYS C 32 -9.88 -3.78 -31.17
C LYS C 32 -10.84 -3.43 -30.04
N CYS C 33 -12.09 -3.85 -30.16
CA CYS C 33 -13.10 -3.57 -29.16
C CYS C 33 -13.46 -4.84 -28.40
N PHE C 34 -13.40 -4.77 -27.07
CA PHE C 34 -13.76 -5.88 -26.19
C PHE C 34 -15.06 -5.58 -25.45
N GLY C 35 -15.89 -6.62 -25.32
CA GLY C 35 -17.23 -6.49 -24.78
C GLY C 35 -17.26 -6.26 -23.28
N ASN C 36 -18.47 -6.01 -22.78
CA ASN C 36 -18.68 -5.71 -21.37
C ASN C 36 -18.30 -6.89 -20.47
N THR C 37 -18.57 -8.12 -20.90
CA THR C 37 -18.26 -9.27 -20.05
C THR C 37 -16.77 -9.36 -19.72
N ALA C 38 -15.90 -9.28 -20.73
CA ALA C 38 -14.48 -9.35 -20.47
C ALA C 38 -13.98 -8.16 -19.66
N VAL C 39 -14.50 -6.97 -19.95
CA VAL C 39 -14.04 -5.76 -19.29
C VAL C 39 -14.54 -5.65 -17.86
N ALA C 40 -15.67 -6.30 -17.54
CA ALA C 40 -16.20 -6.31 -16.19
C ALA C 40 -15.29 -7.02 -15.22
N LYS C 41 -14.56 -8.04 -15.68
CA LYS C 41 -13.62 -8.72 -14.82
C LYS C 41 -12.54 -7.77 -14.33
N CYS C 42 -12.21 -6.75 -15.14
CA CYS C 42 -11.19 -5.78 -14.76
C CYS C 42 -11.57 -4.95 -13.54
N ASN C 43 -12.86 -4.89 -13.20
CA ASN C 43 -13.27 -4.16 -12.00
C ASN C 43 -13.06 -4.93 -10.70
N GLU C 44 -12.98 -6.26 -10.74
CA GLU C 44 -12.88 -7.04 -9.52
C GLU C 44 -11.58 -7.82 -9.36
N LYS C 45 -10.90 -8.14 -10.45
CA LYS C 45 -9.68 -8.93 -10.40
C LYS C 45 -8.48 -8.05 -10.06
N HIS C 46 -7.49 -8.64 -9.40
CA HIS C 46 -6.27 -7.95 -8.99
C HIS C 46 -4.99 -8.38 -9.72
N ASP C 47 -5.02 -9.45 -10.51
CA ASP C 47 -3.80 -9.99 -11.10
C ASP C 47 -3.81 -9.97 -12.64
N GLU C 48 -4.64 -9.15 -13.26
CA GLU C 48 -4.73 -9.04 -14.71
C GLU C 48 -3.91 -7.85 -15.21
N GLU C 49 -2.70 -8.12 -15.72
CA GLU C 49 -1.84 -7.08 -16.29
C GLU C 49 -2.56 -6.25 -17.35
N PHE C 50 -3.39 -6.89 -18.17
CA PHE C 50 -4.08 -6.21 -19.25
C PHE C 50 -5.03 -5.13 -18.71
N CYS C 51 -5.69 -5.42 -17.58
CA CYS C 51 -6.59 -4.43 -16.99
C CYS C 51 -5.82 -3.25 -16.42
N ASP C 52 -4.56 -3.46 -16.03
CA ASP C 52 -3.73 -2.36 -15.56
C ASP C 52 -3.29 -1.49 -16.72
N MET C 53 -2.96 -2.12 -17.85
CA MET C 53 -2.60 -1.34 -19.03
C MET C 53 -3.80 -0.56 -19.56
N LEU C 54 -4.99 -1.16 -19.51
CA LEU C 54 -6.20 -0.44 -19.89
C LEU C 54 -6.41 0.79 -19.01
N ARG C 55 -6.24 0.64 -17.70
CA ARG C 55 -6.40 1.80 -16.82
C ARG C 55 -5.35 2.87 -17.11
N LEU C 56 -4.11 2.47 -17.39
CA LEU C 56 -3.07 3.43 -17.75
C LEU C 56 -3.43 4.22 -19.01
N PHE C 57 -3.83 3.51 -20.07
CA PHE C 57 -4.16 4.20 -21.31
C PHE C 57 -5.37 5.11 -21.13
N ASP C 58 -6.37 4.67 -20.39
CA ASP C 58 -7.55 5.50 -20.16
C ASP C 58 -7.20 6.75 -19.38
N PHE C 59 -6.40 6.61 -18.32
CA PHE C 59 -5.92 7.78 -17.58
C PHE C 59 -5.16 8.73 -18.49
N ASN C 60 -4.27 8.21 -19.34
CA ASN C 60 -3.52 9.06 -20.28
C ASN C 60 -4.48 9.88 -21.15
N LYS C 61 -5.44 9.21 -21.78
CA LYS C 61 -6.37 9.91 -22.66
C LYS C 61 -7.15 10.98 -21.90
N GLN C 62 -7.71 10.62 -20.74
CA GLN C 62 -8.50 11.57 -19.97
C GLN C 62 -7.66 12.76 -19.52
N ALA C 63 -6.43 12.51 -19.07
CA ALA C 63 -5.55 13.60 -18.66
C ALA C 63 -5.24 14.53 -19.83
N ILE C 64 -4.99 13.96 -21.02
CA ILE C 64 -4.71 14.83 -22.17
C ILE C 64 -5.94 15.62 -22.57
N GLN C 65 -7.15 15.08 -22.36
CA GLN C 65 -8.33 15.78 -22.83
C GLN C 65 -8.86 16.82 -21.83
N ARG C 66 -8.79 16.53 -20.53
CA ARG C 66 -9.38 17.40 -19.53
C ARG C 66 -8.40 18.41 -18.94
N LEU C 67 -7.10 18.11 -19.00
CA LEU C 67 -6.07 19.03 -18.53
C LEU C 67 -5.38 19.65 -19.75
N LYS C 68 -4.95 20.89 -19.61
CA LYS C 68 -4.20 21.56 -20.67
C LYS C 68 -2.81 20.95 -20.77
N ALA C 69 -2.60 20.12 -21.79
CA ALA C 69 -1.32 19.46 -21.97
C ALA C 69 -0.25 20.45 -22.42
N GLU C 70 0.95 20.31 -21.84
CA GLU C 70 2.13 21.03 -22.28
C GLU C 70 3.29 20.06 -22.38
N ALA C 71 4.35 20.48 -23.10
CA ALA C 71 5.46 19.58 -23.36
C ALA C 71 6.22 19.23 -22.09
N GLN C 72 6.52 20.24 -21.27
CA GLN C 72 7.00 20.00 -19.92
C GLN C 72 6.02 19.10 -19.18
N MET C 73 6.53 18.07 -18.51
CA MET C 73 5.67 17.05 -17.93
C MET C 73 5.42 17.30 -16.44
N SER C 74 4.21 16.97 -16.00
CA SER C 74 3.84 16.99 -14.59
C SER C 74 4.03 15.60 -13.98
N ILE C 75 5.30 15.25 -13.75
CA ILE C 75 5.64 13.98 -13.14
C ILE C 75 4.81 13.73 -11.88
N GLN C 76 4.55 14.80 -11.10
CA GLN C 76 3.74 14.71 -9.89
C GLN C 76 2.39 14.03 -10.13
N LEU C 77 1.74 14.35 -11.26
CA LEU C 77 0.39 13.82 -11.51
C LEU C 77 0.40 12.29 -11.55
N ILE C 78 1.28 11.71 -12.38
CA ILE C 78 1.35 10.25 -12.43
C ILE C 78 1.87 9.70 -11.12
N ASN C 79 2.78 10.43 -10.45
CA ASN C 79 3.28 9.98 -9.16
C ASN C 79 2.15 9.80 -8.15
N LYS C 80 1.17 10.71 -8.13
CA LYS C 80 0.04 10.55 -7.21
C LYS C 80 -1.00 9.55 -7.72
N ALA C 81 -1.20 9.44 -9.04
CA ALA C 81 -2.23 8.55 -9.57
C ALA C 81 -1.81 7.08 -9.69
N VAL C 82 -0.51 6.78 -9.61
CA VAL C 82 -0.02 5.46 -10.01
C VAL C 82 -0.77 4.34 -9.27
N ASN C 83 -0.82 4.42 -7.93
CA ASN C 83 -1.43 3.34 -7.16
C ASN C 83 -2.95 3.31 -7.30
N ALA C 84 -3.56 4.41 -7.71
CA ALA C 84 -4.97 4.38 -8.09
C ALA C 84 -5.18 3.72 -9.44
N LEU C 85 -4.13 3.59 -10.25
CA LEU C 85 -4.27 3.04 -11.60
C LEU C 85 -3.85 1.58 -11.71
N ILE C 86 -2.77 1.15 -11.05
CA ILE C 86 -2.21 -0.18 -11.25
C ILE C 86 -1.84 -0.78 -9.90
N ASN C 87 -1.74 -2.11 -9.87
CA ASN C 87 -1.20 -2.84 -8.73
C ASN C 87 0.31 -2.98 -8.93
N ASP C 88 1.09 -2.22 -8.16
CA ASP C 88 2.56 -2.31 -8.24
C ASP C 88 3.10 -3.68 -7.82
N GLN C 89 2.30 -4.47 -7.12
CA GLN C 89 2.76 -5.78 -6.67
C GLN C 89 2.75 -6.78 -7.81
N LEU C 90 1.78 -6.70 -8.71
CA LEU C 90 1.86 -7.39 -10.00
C LEU C 90 3.22 -7.18 -10.68
N ILE C 91 3.69 -5.93 -10.73
CA ILE C 91 5.02 -5.64 -11.26
C ILE C 91 6.09 -6.36 -10.45
N MET C 92 5.98 -6.30 -9.12
CA MET C 92 6.99 -6.95 -8.28
C MET C 92 7.01 -8.46 -8.52
N LYS C 93 5.84 -9.06 -8.67
CA LYS C 93 5.76 -10.50 -8.94
C LYS C 93 6.42 -10.86 -10.26
N ASN C 94 6.20 -10.04 -11.30
CA ASN C 94 6.86 -10.32 -12.57
C ASN C 94 8.37 -10.16 -12.46
N HIS C 95 8.83 -9.19 -11.65
CA HIS C 95 10.26 -9.05 -11.39
C HIS C 95 10.81 -10.28 -10.69
N LEU C 96 10.10 -10.77 -9.67
CA LEU C 96 10.54 -11.95 -8.93
C LEU C 96 10.59 -13.19 -9.81
N ARG C 97 9.58 -13.36 -10.68
CA ARG C 97 9.61 -14.46 -11.64
C ARG C 97 10.79 -14.34 -12.58
N ASP C 98 11.10 -13.12 -13.01
CA ASP C 98 12.24 -12.89 -13.89
C ASP C 98 13.54 -13.32 -13.22
N ILE C 99 13.79 -12.86 -11.99
CA ILE C 99 15.07 -13.15 -11.37
C ILE C 99 15.23 -14.62 -10.98
N MET C 100 14.12 -15.37 -10.84
CA MET C 100 14.17 -16.79 -10.52
C MET C 100 14.18 -17.68 -11.76
N GLY C 101 14.27 -17.12 -12.96
CA GLY C 101 14.27 -17.92 -14.17
C GLY C 101 12.93 -18.47 -14.59
N ILE C 102 11.83 -17.97 -14.03
CA ILE C 102 10.48 -18.38 -14.38
C ILE C 102 10.01 -17.49 -15.52
N PRO C 103 9.27 -18.00 -16.51
CA PRO C 103 8.71 -17.12 -17.55
C PRO C 103 7.83 -16.03 -16.95
N TYR C 104 7.94 -14.81 -17.49
CA TYR C 104 7.33 -13.65 -16.89
C TYR C 104 6.72 -12.76 -17.97
N CYS C 105 5.87 -11.84 -17.52
CA CYS C 105 5.19 -10.89 -18.40
C CYS C 105 5.95 -9.57 -18.48
N ASN C 106 6.27 -9.14 -19.71
CA ASN C 106 6.90 -7.84 -19.92
C ASN C 106 5.92 -6.82 -20.52
N TYR C 107 4.61 -7.07 -20.36
CA TYR C 107 3.50 -6.17 -20.69
C TYR C 107 3.43 -5.76 -22.17
N SER C 108 4.21 -6.35 -23.07
CA SER C 108 4.11 -5.95 -24.46
C SER C 108 2.97 -6.67 -25.20
N LYS C 109 2.89 -7.99 -25.06
CA LYS C 109 2.08 -8.81 -25.94
C LYS C 109 1.03 -9.58 -25.16
N TYR C 110 -0.15 -9.75 -25.76
CA TYR C 110 -1.27 -10.42 -25.13
C TYR C 110 -1.98 -11.29 -26.15
N TRP C 111 -2.50 -12.43 -25.68
CA TRP C 111 -3.27 -13.36 -26.49
C TRP C 111 -4.68 -13.49 -25.92
N TYR C 112 -5.63 -13.82 -26.80
CA TYR C 112 -7.01 -14.04 -26.39
C TYR C 112 -7.68 -14.94 -27.42
N LEU C 113 -8.79 -15.54 -27.01
CA LEU C 113 -9.57 -16.37 -27.92
C LEU C 113 -10.70 -15.55 -28.53
N ASN C 114 -11.06 -15.88 -29.76
CA ASN C 114 -12.14 -15.23 -30.49
C ASN C 114 -13.10 -16.28 -31.01
N HIS C 115 -14.36 -16.18 -30.59
CA HIS C 115 -15.41 -17.04 -31.13
C HIS C 115 -15.87 -16.41 -32.44
N THR C 116 -15.22 -16.81 -33.53
CA THR C 116 -15.39 -16.23 -34.86
C THR C 116 -16.84 -15.87 -35.19
N THR C 117 -17.73 -16.87 -35.12
CA THR C 117 -19.12 -16.69 -35.52
C THR C 117 -19.78 -15.49 -34.83
N THR C 118 -19.65 -15.40 -33.50
CA THR C 118 -20.31 -14.35 -32.74
C THR C 118 -19.48 -13.08 -32.61
N GLY C 119 -18.16 -13.21 -32.61
CA GLY C 119 -17.27 -12.09 -32.35
C GLY C 119 -16.94 -11.86 -30.90
N ARG C 120 -17.52 -12.64 -29.99
CA ARG C 120 -17.20 -12.54 -28.58
C ARG C 120 -15.79 -13.05 -28.32
N THR C 121 -15.10 -12.44 -27.36
CA THR C 121 -13.72 -12.80 -27.05
C THR C 121 -13.56 -12.95 -25.54
N SER C 122 -12.39 -13.42 -25.14
CA SER C 122 -11.99 -13.47 -23.74
C SER C 122 -11.08 -12.31 -23.40
N LEU C 123 -10.88 -12.12 -22.09
CA LEU C 123 -9.99 -11.09 -21.60
C LEU C 123 -8.54 -11.45 -21.94
N PRO C 124 -7.80 -10.61 -22.68
CA PRO C 124 -6.43 -10.95 -23.05
C PRO C 124 -5.54 -11.21 -21.85
N LYS C 125 -4.66 -12.22 -21.98
CA LYS C 125 -3.66 -12.54 -20.99
C LYS C 125 -2.26 -12.33 -21.56
N CYS C 126 -1.34 -11.91 -20.69
CA CYS C 126 0.00 -11.56 -21.14
C CYS C 126 0.71 -12.77 -21.73
N TRP C 127 1.37 -12.55 -22.88
CA TRP C 127 2.24 -13.55 -23.49
C TRP C 127 3.59 -13.55 -22.78
N LEU C 128 3.91 -14.64 -22.11
CA LEU C 128 5.10 -14.73 -21.28
C LEU C 128 6.37 -14.81 -22.14
N VAL C 129 7.49 -14.40 -21.55
CA VAL C 129 8.79 -14.48 -22.21
C VAL C 129 9.70 -15.38 -21.38
N SER C 130 10.70 -15.94 -22.06
CA SER C 130 11.74 -16.75 -21.43
C SER C 130 12.94 -16.79 -22.35
N ASN C 131 14.13 -16.68 -21.75
CA ASN C 131 15.41 -16.68 -22.45
C ASN C 131 15.44 -15.63 -23.56
N GLY C 132 14.86 -14.47 -23.29
CA GLY C 132 14.95 -13.39 -24.26
C GLY C 132 14.00 -13.50 -25.43
N SER C 133 13.11 -14.49 -25.44
CA SER C 133 12.15 -14.68 -26.52
C SER C 133 10.79 -15.00 -25.96
N TYR C 134 9.76 -14.75 -26.76
CA TYR C 134 8.41 -15.13 -26.38
C TYR C 134 8.28 -16.65 -26.33
N LEU C 135 7.51 -17.14 -25.36
CA LEU C 135 7.23 -18.56 -25.26
C LEU C 135 6.56 -19.07 -26.52
N ASN C 136 6.94 -20.28 -26.95
CA ASN C 136 6.21 -20.91 -28.04
C ASN C 136 4.82 -21.32 -27.55
N GLU C 137 3.85 -21.22 -28.47
CA GLU C 137 2.44 -21.43 -28.12
C GLU C 137 2.21 -22.79 -27.48
N THR C 138 2.95 -23.81 -27.92
CA THR C 138 2.79 -25.16 -27.40
C THR C 138 3.16 -25.25 -25.93
N HIS C 139 3.95 -24.32 -25.44
CA HIS C 139 4.39 -24.37 -24.06
C HIS C 139 3.27 -23.97 -23.12
N PHE C 140 2.28 -23.18 -23.59
CA PHE C 140 1.18 -22.79 -22.70
C PHE C 140 -0.18 -23.11 -23.30
N SER C 141 -0.25 -24.07 -24.21
CA SER C 141 -1.53 -24.43 -24.82
C SER C 141 -2.53 -24.94 -23.78
N ASP C 142 -2.04 -25.50 -22.67
CA ASP C 142 -2.95 -25.95 -21.62
C ASP C 142 -3.73 -24.78 -21.05
N ASP C 143 -3.07 -23.63 -20.86
CA ASP C 143 -3.78 -22.46 -20.37
C ASP C 143 -4.83 -22.02 -21.38
N ILE C 144 -4.51 -22.11 -22.67
CA ILE C 144 -5.50 -21.74 -23.66
C ILE C 144 -6.71 -22.66 -23.56
N GLU C 145 -6.46 -23.96 -23.38
CA GLU C 145 -7.59 -24.88 -23.22
C GLU C 145 -8.40 -24.52 -21.99
N GLN C 146 -7.71 -24.17 -20.89
CA GLN C 146 -8.42 -23.76 -19.69
C GLN C 146 -9.29 -22.54 -19.94
N GLN C 147 -8.77 -21.57 -20.69
CA GLN C 147 -9.57 -20.39 -20.97
C GLN C 147 -10.80 -20.76 -21.78
N ALA C 148 -10.64 -21.65 -22.75
CA ALA C 148 -11.80 -22.07 -23.53
C ALA C 148 -12.82 -22.76 -22.64
N ASP C 149 -12.37 -23.63 -21.74
CA ASP C 149 -13.31 -24.27 -20.82
C ASP C 149 -14.05 -23.24 -20.00
N ASN C 150 -13.35 -22.23 -19.51
CA ASN C 150 -14.02 -21.20 -18.73
C ASN C 150 -15.07 -20.50 -19.56
N MET C 151 -14.74 -20.15 -20.81
CA MET C 151 -15.71 -19.48 -21.64
C MET C 151 -16.94 -20.35 -21.88
N ILE C 152 -16.76 -21.66 -21.96
CA ILE C 152 -17.93 -22.51 -22.13
C ILE C 152 -18.76 -22.56 -20.85
N THR C 153 -18.09 -22.77 -19.71
CA THR C 153 -18.83 -22.99 -18.47
C THR C 153 -19.64 -21.77 -18.07
N GLU C 154 -19.02 -20.60 -18.09
CA GLU C 154 -19.75 -19.40 -17.71
C GLU C 154 -20.93 -19.18 -18.65
N MET C 155 -20.73 -19.41 -19.95
CA MET C 155 -21.85 -19.21 -20.87
C MET C 155 -22.97 -20.18 -20.53
N LEU C 156 -22.63 -21.45 -20.29
CA LEU C 156 -23.68 -22.41 -19.97
C LEU C 156 -24.40 -22.01 -18.70
N GLN C 157 -23.67 -21.53 -17.70
CA GLN C 157 -24.35 -21.15 -16.48
C GLN C 157 -25.27 -19.96 -16.71
N LYS C 158 -24.84 -19.00 -17.54
CA LYS C 158 -25.74 -17.89 -17.83
C LYS C 158 -27.01 -18.37 -18.51
N GLU C 159 -26.89 -19.29 -19.48
CA GLU C 159 -28.10 -19.78 -20.12
C GLU C 159 -28.98 -20.51 -19.12
N TYR C 160 -28.36 -21.27 -18.20
CA TYR C 160 -29.16 -21.93 -17.18
C TYR C 160 -29.95 -20.91 -16.38
N MET C 161 -29.25 -19.88 -15.89
CA MET C 161 -29.95 -18.87 -15.09
C MET C 161 -31.03 -18.20 -15.91
N GLU C 162 -30.78 -18.01 -17.20
CA GLU C 162 -31.81 -17.42 -18.05
C GLU C 162 -33.04 -18.31 -18.05
N ARG C 163 -32.87 -19.57 -18.47
CA ARG C 163 -33.96 -20.54 -18.42
C ARG C 163 -34.67 -20.50 -17.07
N GLN C 164 -33.91 -20.41 -15.98
CA GLN C 164 -34.50 -20.33 -14.65
C GLN C 164 -35.39 -19.10 -14.50
N GLY C 165 -34.88 -17.93 -14.91
CA GLY C 165 -35.63 -16.70 -14.71
C GLY C 165 -36.94 -16.66 -15.48
N LYS C 166 -36.92 -17.09 -16.74
CA LYS C 166 -38.12 -17.07 -17.57
C LYS C 166 -39.21 -17.95 -16.98
N GLY D 1 -0.95 -2.01 -2.68
CA GLY D 1 -1.52 -2.96 -3.61
C GLY D 1 -2.04 -4.22 -2.94
N THR D 2 -2.09 -5.31 -3.70
CA THR D 2 -2.61 -6.58 -3.24
C THR D 2 -1.58 -7.67 -3.48
N PHE D 3 -1.63 -8.73 -2.66
CA PHE D 3 -0.75 -9.87 -2.82
C PHE D 3 -0.94 -10.50 -4.20
N THR D 4 0.11 -11.14 -4.72
CA THR D 4 0.05 -11.71 -6.06
C THR D 4 0.68 -13.10 -6.20
N TRP D 5 1.45 -13.58 -5.22
CA TRP D 5 2.14 -14.86 -5.34
C TRP D 5 1.21 -16.04 -5.59
N THR D 6 1.38 -16.70 -6.72
CA THR D 6 0.66 -17.95 -7.01
C THR D 6 1.33 -19.11 -6.29
N LEU D 7 0.54 -19.93 -5.59
CA LEU D 7 1.07 -21.14 -4.98
C LEU D 7 1.56 -22.13 -6.03
N SER D 8 2.72 -22.73 -5.78
CA SER D 8 3.24 -23.77 -6.65
C SER D 8 2.42 -25.05 -6.55
N ASP D 9 2.50 -25.86 -7.60
CA ASP D 9 1.71 -27.09 -7.68
C ASP D 9 2.02 -28.04 -6.52
N SER D 10 0.96 -28.61 -5.96
CA SER D 10 1.09 -29.55 -4.85
C SER D 10 1.82 -30.82 -5.27
N GLU D 11 2.74 -31.27 -4.41
CA GLU D 11 3.46 -32.52 -4.67
C GLU D 11 2.52 -33.72 -4.64
N GLY D 12 1.60 -33.76 -3.67
CA GLY D 12 0.70 -34.89 -3.55
C GLY D 12 -0.35 -34.87 -4.64
N LYS D 13 -0.54 -36.02 -5.30
CA LYS D 13 -1.57 -36.16 -6.32
C LYS D 13 -2.97 -36.31 -5.74
N ASP D 14 -3.08 -36.64 -4.44
CA ASP D 14 -4.40 -36.74 -3.82
C ASP D 14 -5.17 -35.43 -3.92
N THR D 15 -4.48 -34.31 -3.79
CA THR D 15 -5.06 -32.97 -3.96
C THR D 15 -4.50 -32.37 -5.25
N PRO D 16 -5.15 -32.59 -6.40
CA PRO D 16 -4.56 -32.13 -7.67
C PRO D 16 -4.19 -30.65 -7.72
N GLY D 17 -5.09 -29.77 -7.29
CA GLY D 17 -4.83 -28.35 -7.33
C GLY D 17 -4.71 -27.70 -5.97
N GLY D 18 -4.43 -28.51 -4.95
CA GLY D 18 -4.32 -28.02 -3.58
C GLY D 18 -2.90 -27.70 -3.17
N TYR D 19 -2.62 -27.87 -1.88
CA TYR D 19 -1.31 -27.59 -1.34
C TYR D 19 -1.04 -28.55 -0.19
N CYS D 20 0.22 -28.94 -0.03
CA CYS D 20 0.60 -29.90 0.98
C CYS D 20 1.63 -29.29 1.93
N LEU D 21 1.40 -29.46 3.23
CA LEU D 21 2.37 -29.09 4.26
C LEU D 21 3.11 -30.35 4.70
N THR D 22 4.42 -30.37 4.45
CA THR D 22 5.28 -31.50 4.75
C THR D 22 5.56 -31.59 6.24
N ARG D 23 6.29 -32.64 6.63
CA ARG D 23 6.59 -32.87 8.04
C ARG D 23 7.39 -31.73 8.66
N TRP D 24 8.22 -31.05 7.88
CA TRP D 24 9.04 -29.98 8.42
C TRP D 24 8.24 -28.73 8.75
N MET D 25 7.19 -28.46 7.98
CA MET D 25 6.42 -27.23 8.18
C MET D 25 5.45 -27.32 9.34
N LEU D 26 5.30 -28.47 9.98
CA LEU D 26 4.32 -28.65 11.04
C LEU D 26 4.98 -29.14 12.33
N ILE D 27 4.39 -28.75 13.46
CA ILE D 27 4.91 -29.16 14.76
C ILE D 27 4.64 -30.64 15.01
N GLU D 28 3.46 -31.13 14.59
CA GLU D 28 3.15 -32.55 14.75
C GLU D 28 3.90 -33.45 13.79
N ALA D 29 4.83 -32.89 13.00
CA ALA D 29 5.71 -33.64 12.10
C ALA D 29 4.97 -34.66 11.25
N GLU D 30 3.85 -34.26 10.67
CA GLU D 30 3.11 -35.12 9.76
C GLU D 30 2.83 -34.36 8.47
N LEU D 31 2.22 -35.04 7.50
CA LEU D 31 1.90 -34.46 6.21
C LEU D 31 0.41 -34.17 6.13
N LYS D 32 0.04 -32.94 5.79
CA LYS D 32 -1.35 -32.55 5.60
C LYS D 32 -1.56 -31.87 4.27
N CYS D 33 -2.37 -32.49 3.40
CA CYS D 33 -2.66 -31.99 2.07
C CYS D 33 -4.08 -31.47 2.04
N PHE D 34 -4.25 -30.24 1.57
CA PHE D 34 -5.55 -29.60 1.41
C PHE D 34 -5.93 -29.48 -0.06
N GLY D 35 -7.20 -29.74 -0.34
CA GLY D 35 -7.71 -29.83 -1.69
C GLY D 35 -7.83 -28.50 -2.41
N ASN D 36 -8.17 -28.58 -3.69
CA ASN D 36 -8.26 -27.40 -4.53
C ASN D 36 -9.32 -26.41 -4.04
N THR D 37 -10.46 -26.92 -3.53
CA THR D 37 -11.52 -26.01 -3.09
C THR D 37 -11.04 -25.06 -1.99
N ALA D 38 -10.41 -25.60 -0.95
CA ALA D 38 -9.92 -24.76 0.14
C ALA D 38 -8.81 -23.82 -0.32
N VAL D 39 -7.93 -24.31 -1.18
CA VAL D 39 -6.78 -23.52 -1.62
C VAL D 39 -7.20 -22.43 -2.61
N ALA D 40 -8.31 -22.66 -3.32
CA ALA D 40 -8.81 -21.66 -4.25
C ALA D 40 -9.29 -20.41 -3.54
N LYS D 41 -9.78 -20.54 -2.31
CA LYS D 41 -10.19 -19.37 -1.54
C LYS D 41 -9.01 -18.45 -1.29
N CYS D 42 -7.80 -19.00 -1.20
CA CYS D 42 -6.62 -18.21 -0.94
C CYS D 42 -6.30 -17.23 -2.06
N ASN D 43 -6.82 -17.45 -3.28
CA ASN D 43 -6.59 -16.53 -4.38
C ASN D 43 -7.43 -15.26 -4.32
N GLU D 44 -8.58 -15.28 -3.63
CA GLU D 44 -9.47 -14.12 -3.64
C GLU D 44 -9.73 -13.52 -2.27
N LYS D 45 -9.50 -14.24 -1.19
CA LYS D 45 -9.73 -13.69 0.14
C LYS D 45 -8.55 -12.81 0.53
N HIS D 46 -8.84 -11.77 1.32
CA HIS D 46 -7.82 -10.84 1.80
C HIS D 46 -7.58 -10.90 3.30
N ASP D 47 -8.40 -11.65 4.04
CA ASP D 47 -8.33 -11.69 5.51
C ASP D 47 -8.03 -13.07 6.08
N GLU D 48 -7.51 -13.99 5.26
CA GLU D 48 -7.18 -15.35 5.69
C GLU D 48 -5.70 -15.44 6.05
N GLU D 49 -5.39 -15.38 7.36
CA GLU D 49 -4.02 -15.54 7.85
C GLU D 49 -3.34 -16.80 7.32
N PHE D 50 -4.08 -17.90 7.22
CA PHE D 50 -3.50 -19.17 6.78
C PHE D 50 -2.99 -19.06 5.34
N CYS D 51 -3.72 -18.34 4.48
CA CYS D 51 -3.25 -18.19 3.10
C CYS D 51 -2.01 -17.32 3.01
N ASP D 52 -1.81 -16.42 3.97
CA ASP D 52 -0.58 -15.62 3.99
C ASP D 52 0.59 -16.47 4.45
N MET D 53 0.35 -17.35 5.43
CA MET D 53 1.42 -18.25 5.84
C MET D 53 1.77 -19.25 4.74
N LEU D 54 0.77 -19.73 4.00
CA LEU D 54 1.03 -20.59 2.86
C LEU D 54 1.90 -19.89 1.82
N ARG D 55 1.59 -18.63 1.51
CA ARG D 55 2.40 -17.89 0.55
C ARG D 55 3.82 -17.71 1.06
N LEU D 56 3.98 -17.41 2.36
CA LEU D 56 5.32 -17.29 2.93
C LEU D 56 6.12 -18.57 2.78
N PHE D 57 5.54 -19.71 3.17
CA PHE D 57 6.25 -20.98 3.08
C PHE D 57 6.59 -21.32 1.63
N ASP D 58 5.68 -21.07 0.70
CA ASP D 58 5.93 -21.36 -0.70
C ASP D 58 7.06 -20.50 -1.24
N PHE D 59 7.03 -19.20 -0.94
CA PHE D 59 8.14 -18.33 -1.32
C PHE D 59 9.46 -18.82 -0.76
N ASN D 60 9.48 -19.21 0.52
CA ASN D 60 10.70 -19.73 1.13
C ASN D 60 11.25 -20.93 0.35
N LYS D 61 10.41 -21.93 0.11
CA LYS D 61 10.87 -23.12 -0.61
C LYS D 61 11.39 -22.76 -2.00
N GLN D 62 10.62 -21.97 -2.77
CA GLN D 62 11.06 -21.62 -4.12
C GLN D 62 12.36 -20.83 -4.11
N ALA D 63 12.52 -19.90 -3.16
CA ALA D 63 13.78 -19.17 -3.05
C ALA D 63 14.94 -20.10 -2.72
N ILE D 64 14.74 -21.04 -1.81
CA ILE D 64 15.80 -21.97 -1.45
C ILE D 64 16.17 -22.87 -2.62
N GLN D 65 15.20 -23.20 -3.48
CA GLN D 65 15.47 -24.14 -4.56
C GLN D 65 16.01 -23.49 -5.82
N ARG D 66 15.53 -22.30 -6.18
CA ARG D 66 15.91 -21.67 -7.44
C ARG D 66 17.06 -20.69 -7.31
N LEU D 67 17.32 -20.17 -6.12
CA LEU D 67 18.44 -19.28 -5.86
C LEU D 67 19.49 -20.03 -5.06
N LYS D 68 20.76 -19.69 -5.29
CA LYS D 68 21.86 -20.29 -4.55
C LYS D 68 21.85 -19.78 -3.11
N ALA D 69 21.40 -20.63 -2.19
CA ALA D 69 21.33 -20.26 -0.79
C ALA D 69 22.73 -20.16 -0.18
N GLU D 70 22.94 -19.14 0.65
CA GLU D 70 24.13 -19.01 1.46
C GLU D 70 23.72 -18.64 2.88
N ALA D 71 24.66 -18.82 3.82
CA ALA D 71 24.33 -18.63 5.23
C ALA D 71 24.01 -17.17 5.53
N GLN D 72 24.85 -16.25 5.04
CA GLN D 72 24.47 -14.84 5.03
C GLN D 72 23.12 -14.68 4.33
N MET D 73 22.22 -13.91 4.95
CA MET D 73 20.85 -13.85 4.45
C MET D 73 20.68 -12.62 3.57
N SER D 74 19.88 -12.75 2.52
CA SER D 74 19.51 -11.64 1.65
C SER D 74 18.21 -10.99 2.14
N ILE D 75 18.33 -10.30 3.27
CA ILE D 75 17.24 -9.51 3.85
C ILE D 75 16.51 -8.71 2.77
N GLN D 76 17.28 -8.19 1.80
CA GLN D 76 16.72 -7.42 0.69
C GLN D 76 15.61 -8.16 -0.04
N LEU D 77 15.79 -9.47 -0.27
CA LEU D 77 14.82 -10.24 -1.04
C LEU D 77 13.45 -10.24 -0.36
N ILE D 78 13.41 -10.61 0.92
CA ILE D 78 12.13 -10.60 1.63
C ILE D 78 11.61 -9.18 1.78
N ASN D 79 12.50 -8.21 1.97
CA ASN D 79 12.08 -6.82 2.07
C ASN D 79 11.30 -6.39 0.84
N LYS D 80 11.76 -6.80 -0.35
CA LYS D 80 11.06 -6.47 -1.59
C LYS D 80 9.83 -7.33 -1.84
N ALA D 81 9.84 -8.61 -1.44
CA ALA D 81 8.73 -9.52 -1.72
C ALA D 81 7.58 -9.44 -0.71
N VAL D 82 7.78 -8.82 0.45
CA VAL D 82 6.83 -8.96 1.56
C VAL D 82 5.40 -8.60 1.14
N ASN D 83 5.21 -7.42 0.54
CA ASN D 83 3.87 -6.99 0.18
C ASN D 83 3.28 -7.76 -0.99
N ALA D 84 4.12 -8.38 -1.82
CA ALA D 84 3.62 -9.31 -2.81
C ALA D 84 3.20 -10.63 -2.19
N LEU D 85 3.62 -10.88 -0.95
CA LEU D 85 3.39 -12.18 -0.32
C LEU D 85 2.24 -12.17 0.69
N ILE D 86 2.12 -11.12 1.51
CA ILE D 86 1.17 -11.09 2.63
C ILE D 86 0.50 -9.73 2.68
N ASN D 87 -0.67 -9.70 3.33
CA ASN D 87 -1.35 -8.45 3.65
C ASN D 87 -0.86 -7.97 5.01
N ASP D 88 -0.04 -6.92 5.03
CA ASP D 88 0.46 -6.36 6.28
C ASP D 88 -0.64 -5.75 7.15
N GLN D 89 -1.80 -5.45 6.55
CA GLN D 89 -2.89 -4.86 7.31
C GLN D 89 -3.58 -5.90 8.18
N LEU D 90 -3.70 -7.13 7.69
CA LEU D 90 -4.05 -8.26 8.55
C LEU D 90 -3.22 -8.29 9.84
N ILE D 91 -1.90 -8.12 9.71
CA ILE D 91 -1.04 -8.00 10.89
C ILE D 91 -1.46 -6.82 11.74
N MET D 92 -1.72 -5.67 11.11
CA MET D 92 -2.12 -4.50 11.87
C MET D 92 -3.43 -4.75 12.63
N LYS D 93 -4.38 -5.45 12.01
CA LYS D 93 -5.63 -5.77 12.68
C LYS D 93 -5.41 -6.64 13.89
N ASN D 94 -4.52 -7.64 13.77
CA ASN D 94 -4.24 -8.48 14.93
C ASN D 94 -3.56 -7.70 16.05
N HIS D 95 -2.68 -6.77 15.69
CA HIS D 95 -2.07 -5.89 16.69
C HIS D 95 -3.13 -5.04 17.40
N LEU D 96 -4.05 -4.47 16.62
CA LEU D 96 -5.08 -3.61 17.19
C LEU D 96 -6.01 -4.39 18.11
N ARG D 97 -6.37 -5.61 17.72
CA ARG D 97 -7.17 -6.47 18.58
C ARG D 97 -6.42 -6.79 19.87
N ASP D 98 -5.11 -7.05 19.75
CA ASP D 98 -4.30 -7.34 20.93
C ASP D 98 -4.32 -6.17 21.91
N ILE D 99 -4.04 -4.95 21.44
CA ILE D 99 -3.95 -3.83 22.37
C ILE D 99 -5.31 -3.42 22.95
N MET D 100 -6.41 -3.78 22.32
CA MET D 100 -7.74 -3.50 22.88
C MET D 100 -8.28 -4.61 23.77
N GLY D 101 -7.50 -5.66 24.05
CA GLY D 101 -7.96 -6.76 24.87
C GLY D 101 -8.92 -7.72 24.19
N ILE D 102 -9.02 -7.66 22.87
CA ILE D 102 -9.86 -8.56 22.07
C ILE D 102 -9.01 -9.78 21.73
N PRO D 103 -9.56 -10.99 21.72
CA PRO D 103 -8.77 -12.16 21.29
C PRO D 103 -8.25 -11.98 19.87
N TYR D 104 -7.01 -12.41 19.67
CA TYR D 104 -6.29 -12.10 18.43
C TYR D 104 -5.52 -13.33 17.97
N CYS D 105 -5.10 -13.30 16.71
CA CYS D 105 -4.36 -14.38 16.08
C CYS D 105 -2.86 -14.12 16.15
N ASN D 106 -2.10 -15.08 16.69
CA ASN D 106 -0.65 -14.97 16.70
C ASN D 106 0.01 -15.91 15.70
N TYR D 107 -0.73 -16.32 14.67
CA TYR D 107 -0.28 -17.09 13.51
C TYR D 107 0.35 -18.43 13.85
N SER D 108 0.26 -18.89 15.10
CA SER D 108 0.88 -20.16 15.45
C SER D 108 -0.03 -21.36 15.13
N LYS D 109 -1.28 -21.32 15.56
CA LYS D 109 -2.15 -22.50 15.59
C LYS D 109 -3.41 -22.27 14.77
N TYR D 110 -3.89 -23.33 14.11
CA TYR D 110 -5.05 -23.26 13.24
C TYR D 110 -5.93 -24.50 13.43
N TRP D 111 -7.24 -24.30 13.30
CA TRP D 111 -8.23 -25.36 13.38
C TRP D 111 -9.00 -25.48 12.07
N TYR D 112 -9.47 -26.69 11.79
CA TYR D 112 -10.27 -26.94 10.60
C TYR D 112 -11.15 -28.15 10.84
N LEU D 113 -12.21 -28.27 10.03
CA LEU D 113 -13.08 -29.43 10.08
C LEU D 113 -12.68 -30.45 9.02
N ASN D 114 -12.90 -31.72 9.33
CA ASN D 114 -12.61 -32.81 8.42
C ASN D 114 -13.85 -33.67 8.27
N HIS D 115 -14.36 -33.79 7.04
CA HIS D 115 -15.47 -34.68 6.76
C HIS D 115 -14.88 -36.08 6.59
N THR D 116 -14.78 -36.79 7.71
CA THR D 116 -14.08 -38.07 7.78
C THR D 116 -14.28 -38.98 6.58
N THR D 117 -15.55 -39.31 6.27
CA THR D 117 -15.86 -40.25 5.21
C THR D 117 -15.23 -39.85 3.87
N THR D 118 -15.40 -38.59 3.46
CA THR D 118 -14.92 -38.15 2.15
C THR D 118 -13.50 -37.64 2.18
N GLY D 119 -13.06 -37.07 3.30
CA GLY D 119 -11.77 -36.45 3.41
C GLY D 119 -11.67 -34.98 3.04
N ARG D 120 -12.75 -34.34 2.59
CA ARG D 120 -12.65 -32.92 2.33
C ARG D 120 -12.52 -32.18 3.66
N THR D 121 -11.83 -31.05 3.63
CA THR D 121 -11.63 -30.28 4.84
C THR D 121 -11.98 -28.83 4.52
N SER D 122 -11.99 -27.99 5.54
CA SER D 122 -12.18 -26.57 5.34
C SER D 122 -10.84 -25.85 5.39
N LEU D 123 -10.85 -24.61 4.94
CA LEU D 123 -9.66 -23.79 5.01
C LEU D 123 -9.36 -23.50 6.47
N PRO D 124 -8.17 -23.86 6.98
CA PRO D 124 -7.88 -23.64 8.40
C PRO D 124 -8.00 -22.16 8.79
N LYS D 125 -8.56 -21.93 9.97
CA LYS D 125 -8.68 -20.59 10.55
C LYS D 125 -7.86 -20.51 11.83
N CYS D 126 -7.33 -19.33 12.09
CA CYS D 126 -6.44 -19.14 13.24
C CYS D 126 -7.16 -19.41 14.55
N TRP D 127 -6.50 -20.15 15.44
CA TRP D 127 -6.95 -20.34 16.80
C TRP D 127 -6.54 -19.12 17.62
N LEU D 128 -7.51 -18.34 18.09
CA LEU D 128 -7.20 -17.10 18.75
C LEU D 128 -6.64 -17.32 20.14
N VAL D 129 -5.90 -16.32 20.62
CA VAL D 129 -5.35 -16.31 21.97
C VAL D 129 -5.89 -15.09 22.71
N SER D 130 -5.89 -15.19 24.03
CA SER D 130 -6.27 -14.07 24.88
C SER D 130 -5.71 -14.32 26.27
N ASN D 131 -5.20 -13.26 26.90
CA ASN D 131 -4.58 -13.36 28.22
C ASN D 131 -3.46 -14.40 28.26
N GLY D 132 -2.72 -14.51 27.17
CA GLY D 132 -1.59 -15.42 27.12
C GLY D 132 -1.90 -16.88 26.92
N SER D 133 -3.15 -17.25 26.67
CA SER D 133 -3.52 -18.64 26.48
C SER D 133 -4.48 -18.77 25.31
N TYR D 134 -4.50 -19.96 24.72
CA TYR D 134 -5.44 -20.25 23.64
C TYR D 134 -6.88 -20.23 24.17
N LEU D 135 -7.78 -19.72 23.35
CA LEU D 135 -9.20 -19.74 23.67
C LEU D 135 -9.67 -21.17 23.84
N ASN D 136 -10.54 -21.41 24.82
CA ASN D 136 -11.18 -22.72 24.89
C ASN D 136 -12.16 -22.88 23.74
N GLU D 137 -12.27 -24.12 23.25
CA GLU D 137 -13.06 -24.40 22.05
C GLU D 137 -14.50 -23.92 22.21
N THR D 138 -15.05 -24.00 23.41
CA THR D 138 -16.44 -23.61 23.67
C THR D 138 -16.66 -22.11 23.49
N HIS D 139 -15.59 -21.31 23.54
CA HIS D 139 -15.71 -19.87 23.36
C HIS D 139 -15.93 -19.47 21.91
N PHE D 140 -15.52 -20.31 20.96
CA PHE D 140 -15.71 -20.00 19.55
C PHE D 140 -16.41 -21.13 18.80
N SER D 141 -17.15 -21.98 19.51
CA SER D 141 -17.84 -23.10 18.88
C SER D 141 -18.87 -22.62 17.87
N ASP D 142 -19.39 -21.41 18.07
CA ASP D 142 -20.34 -20.84 17.12
C ASP D 142 -19.70 -20.68 15.75
N ASP D 143 -18.46 -20.19 15.69
CA ASP D 143 -17.77 -20.06 14.41
C ASP D 143 -17.57 -21.43 13.75
N ILE D 144 -17.24 -22.45 14.55
CA ILE D 144 -17.10 -23.80 13.99
C ILE D 144 -18.43 -24.28 13.40
N GLU D 145 -19.52 -24.02 14.13
CA GLU D 145 -20.84 -24.40 13.64
C GLU D 145 -21.13 -23.70 12.33
N GLN D 146 -20.78 -22.41 12.25
CA GLN D 146 -20.96 -21.62 11.04
C GLN D 146 -20.17 -22.22 9.88
N GLN D 147 -18.94 -22.65 10.14
CA GLN D 147 -18.12 -23.23 9.09
C GLN D 147 -18.77 -24.50 8.56
N ALA D 148 -19.31 -25.33 9.46
CA ALA D 148 -20.00 -26.54 9.02
C ALA D 148 -21.19 -26.17 8.15
N ASP D 149 -21.96 -25.16 8.56
CA ASP D 149 -23.10 -24.71 7.75
C ASP D 149 -22.64 -24.29 6.37
N ASN D 150 -21.54 -23.54 6.29
CA ASN D 150 -21.05 -23.09 5.00
C ASN D 150 -20.66 -24.27 4.11
N MET D 151 -19.94 -25.24 4.69
CA MET D 151 -19.52 -26.40 3.90
C MET D 151 -20.72 -27.17 3.37
N ILE D 152 -21.83 -27.14 4.12
CA ILE D 152 -23.04 -27.81 3.63
C ILE D 152 -23.65 -26.99 2.51
N THR D 153 -23.83 -25.69 2.72
CA THR D 153 -24.59 -24.91 1.75
C THR D 153 -23.85 -24.91 0.43
N GLU D 154 -22.53 -24.67 0.46
CA GLU D 154 -21.77 -24.63 -0.78
C GLU D 154 -21.80 -25.97 -1.49
N MET D 155 -21.66 -27.09 -0.75
CA MET D 155 -21.70 -28.38 -1.45
C MET D 155 -23.06 -28.59 -2.10
N LEU D 156 -24.13 -28.27 -1.38
CA LEU D 156 -25.48 -28.42 -1.93
C LEU D 156 -25.65 -27.57 -3.19
N GLN D 157 -25.15 -26.33 -3.17
CA GLN D 157 -25.31 -25.49 -4.34
C GLN D 157 -24.54 -26.06 -5.53
N LYS D 158 -23.34 -26.59 -5.28
CA LYS D 158 -22.61 -27.22 -6.39
C LYS D 158 -23.39 -28.41 -6.96
N GLU D 159 -23.94 -29.26 -6.08
CA GLU D 159 -24.72 -30.39 -6.59
C GLU D 159 -25.94 -29.91 -7.38
N TYR D 160 -26.59 -28.84 -6.92
CA TYR D 160 -27.72 -28.29 -7.66
C TYR D 160 -27.30 -27.88 -9.06
N MET D 161 -26.23 -27.09 -9.17
CA MET D 161 -25.79 -26.65 -10.48
C MET D 161 -25.40 -27.84 -11.36
N GLU D 162 -24.82 -28.88 -10.75
CA GLU D 162 -24.50 -30.09 -11.50
C GLU D 162 -25.76 -30.71 -12.10
N ARG D 163 -26.73 -31.04 -11.24
CA ARG D 163 -28.02 -31.55 -11.69
C ARG D 163 -28.61 -30.70 -12.82
N GLN D 164 -28.49 -29.38 -12.69
CA GLN D 164 -28.98 -28.47 -13.73
C GLN D 164 -28.26 -28.69 -15.06
N GLY D 165 -26.93 -28.74 -15.01
CA GLY D 165 -26.16 -28.86 -16.23
C GLY D 165 -26.41 -30.15 -16.99
N LYS D 166 -26.46 -31.28 -16.28
CA LYS D 166 -26.66 -32.57 -16.92
C LYS D 166 -28.03 -32.61 -17.60
N THR E 1 -5.65 -20.03 -38.00
CA THR E 1 -4.59 -20.97 -38.33
C THR E 1 -4.29 -21.88 -37.14
N SER E 2 -4.69 -21.45 -35.95
CA SER E 2 -4.50 -22.18 -34.70
C SER E 2 -5.85 -22.23 -33.99
N LEU E 3 -6.61 -23.29 -34.23
CA LEU E 3 -7.97 -23.39 -33.72
C LEU E 3 -8.00 -24.21 -32.44
N TYR E 4 -8.71 -23.69 -31.44
CA TYR E 4 -8.93 -24.33 -30.14
C TYR E 4 -10.40 -24.60 -29.87
N LYS E 5 -10.69 -25.79 -29.35
CA LYS E 5 -12.03 -26.31 -29.09
C LYS E 5 -12.90 -26.32 -30.34
N GLY E 6 -12.30 -26.25 -31.51
CA GLY E 6 -13.03 -26.28 -32.75
C GLY E 6 -13.57 -24.92 -33.15
N VAL E 7 -13.92 -24.07 -32.17
CA VAL E 7 -14.65 -22.84 -32.46
C VAL E 7 -13.96 -21.59 -31.92
N TYR E 8 -12.77 -21.71 -31.33
CA TYR E 8 -12.05 -20.58 -30.75
C TYR E 8 -10.74 -20.35 -31.47
N GLU E 9 -10.65 -19.27 -32.24
CA GLU E 9 -9.40 -18.92 -32.92
C GLU E 9 -8.54 -18.09 -31.97
N LEU E 10 -7.26 -18.43 -31.88
CA LEU E 10 -6.29 -17.72 -31.05
C LEU E 10 -5.73 -16.49 -31.76
N GLN E 11 -5.96 -15.31 -31.19
CA GLN E 11 -5.51 -14.05 -31.76
C GLN E 11 -4.71 -13.27 -30.73
N THR E 12 -3.89 -12.34 -31.20
CA THR E 12 -2.94 -11.63 -30.36
C THR E 12 -2.98 -10.13 -30.65
N LEU E 13 -2.51 -9.35 -29.69
CA LEU E 13 -2.29 -7.92 -29.87
C LEU E 13 -1.03 -7.49 -29.11
N GLU E 14 -0.43 -6.40 -29.58
CA GLU E 14 0.71 -5.79 -28.90
C GLU E 14 0.45 -4.30 -28.69
N LEU E 15 0.61 -3.84 -27.45
CA LEU E 15 0.32 -2.45 -27.12
C LEU E 15 1.45 -1.52 -27.55
N ASN E 16 1.09 -0.37 -28.11
CA ASN E 16 2.06 0.68 -28.42
C ASN E 16 2.10 1.64 -27.24
N MET E 17 2.95 1.34 -26.26
CA MET E 17 3.12 2.15 -25.06
C MET E 17 3.83 3.47 -25.34
N GLU E 18 4.47 3.61 -26.50
CA GLU E 18 5.13 4.85 -26.90
C GLU E 18 4.17 6.04 -26.86
N THR E 19 2.88 5.81 -27.08
CA THR E 19 1.86 6.86 -27.05
C THR E 19 1.65 7.47 -25.66
N LEU E 20 2.15 6.85 -24.60
CA LEU E 20 2.02 7.40 -23.25
C LEU E 20 3.06 8.46 -22.91
N ASN E 21 3.89 8.86 -23.87
CA ASN E 21 5.08 9.68 -23.58
C ASN E 21 4.75 10.95 -22.81
N MET E 22 3.58 11.56 -23.06
CA MET E 22 3.26 12.86 -22.46
C MET E 22 2.86 12.81 -21.00
N THR E 23 2.48 11.65 -20.45
CA THR E 23 2.00 11.61 -19.08
C THR E 23 2.87 10.80 -18.13
N MET E 24 3.83 10.04 -18.63
CA MET E 24 4.70 9.26 -17.75
C MET E 24 6.02 9.01 -18.46
N PRO E 25 7.12 8.88 -17.73
CA PRO E 25 8.39 8.57 -18.38
C PRO E 25 8.40 7.17 -18.99
N LEU E 26 9.20 7.03 -20.05
CA LEU E 26 9.32 5.75 -20.75
C LEU E 26 10.79 5.35 -20.82
N SER E 27 11.10 4.16 -20.33
CA SER E 27 12.44 3.60 -20.34
C SER E 27 12.58 2.52 -21.40
N CYS E 28 13.78 2.39 -21.94
CA CYS E 28 14.07 1.31 -22.88
C CYS E 28 15.56 1.01 -22.85
N THR E 29 15.89 -0.12 -23.46
CA THR E 29 17.24 -0.66 -23.53
C THR E 29 17.75 -0.68 -24.96
N LYS E 30 18.97 -0.17 -25.15
CA LYS E 30 19.64 -0.22 -26.43
C LYS E 30 20.42 -1.53 -26.57
N ASN E 31 21.18 -1.88 -25.53
CA ASN E 31 21.92 -3.14 -25.46
C ASN E 31 22.17 -3.45 -23.99
N ASN E 32 23.06 -4.41 -23.72
CA ASN E 32 23.31 -4.85 -22.34
C ASN E 32 23.69 -3.70 -21.43
N SER E 33 24.53 -2.79 -21.92
CA SER E 33 25.14 -1.74 -21.10
C SER E 33 24.45 -0.38 -21.18
N HIS E 34 23.70 -0.09 -22.23
CA HIS E 34 23.18 1.25 -22.49
C HIS E 34 21.65 1.26 -22.41
N HIS E 35 21.10 2.18 -21.62
CA HIS E 35 19.66 2.32 -21.37
C HIS E 35 19.27 3.79 -21.31
N TYR E 36 17.99 4.07 -21.56
CA TYR E 36 17.49 5.43 -21.70
C TYR E 36 16.15 5.54 -20.98
N ILE E 37 15.89 6.71 -20.40
CA ILE E 37 14.57 7.08 -19.90
C ILE E 37 14.17 8.45 -20.43
N MET E 38 13.22 8.48 -21.35
CA MET E 38 12.80 9.72 -21.97
C MET E 38 11.59 10.25 -21.21
N VAL E 39 11.53 11.57 -21.06
CA VAL E 39 10.46 12.29 -20.37
C VAL E 39 9.83 13.21 -21.40
N GLY E 40 8.67 12.82 -21.90
CA GLY E 40 8.09 13.57 -22.99
C GLY E 40 8.83 13.27 -24.28
N ASN E 41 8.66 14.16 -25.25
CA ASN E 41 9.32 14.02 -26.55
C ASN E 41 10.53 14.93 -26.73
N GLU E 42 11.02 15.56 -25.68
CA GLU E 42 12.13 16.51 -25.83
C GLU E 42 13.41 16.12 -25.11
N THR E 43 13.31 15.55 -23.91
CA THR E 43 14.49 15.34 -23.07
C THR E 43 14.43 13.97 -22.39
N GLY E 44 15.54 13.61 -21.77
CA GLY E 44 15.61 12.35 -21.04
C GLY E 44 16.98 12.14 -20.45
N LEU E 45 17.17 10.95 -19.88
CA LEU E 45 18.42 10.56 -19.24
C LEU E 45 18.98 9.30 -19.90
N GLU E 46 20.25 9.33 -20.28
CA GLU E 46 20.97 8.15 -20.72
C GLU E 46 21.84 7.58 -19.59
N LEU E 47 21.64 6.29 -19.27
CA LEU E 47 22.42 5.59 -18.27
C LEU E 47 23.31 4.56 -18.97
N THR E 48 24.62 4.70 -18.77
CA THR E 48 25.66 3.90 -19.43
C THR E 48 26.57 3.22 -18.42
N LEU E 49 26.77 1.91 -18.59
CA LEU E 49 27.81 1.17 -17.89
C LEU E 49 29.09 1.26 -18.70
N THR E 50 30.17 1.75 -18.09
CA THR E 50 31.38 2.05 -18.84
C THR E 50 32.60 2.01 -17.92
N ASN E 51 33.74 1.65 -18.52
CA ASN E 51 35.06 1.84 -17.91
C ASN E 51 35.61 3.26 -17.98
N THR E 52 35.00 4.15 -18.75
CA THR E 52 35.52 5.50 -18.97
C THR E 52 34.77 6.49 -18.08
N SER E 53 35.42 6.94 -17.00
CA SER E 53 34.81 7.93 -16.12
C SER E 53 34.88 9.32 -16.73
N ILE E 54 33.88 10.14 -16.40
CA ILE E 54 33.84 11.54 -16.84
C ILE E 54 33.99 12.54 -15.69
N ILE E 55 33.94 12.10 -14.44
CA ILE E 55 34.15 12.98 -13.29
C ILE E 55 35.32 12.47 -12.47
N ASN E 56 36.24 13.36 -12.11
CA ASN E 56 37.42 13.01 -11.35
C ASN E 56 37.53 13.88 -10.10
N HIS E 57 36.42 14.02 -9.39
CA HIS E 57 36.40 14.69 -8.09
C HIS E 57 35.41 13.97 -7.20
N LYS E 58 35.37 14.35 -5.92
CA LYS E 58 34.54 13.69 -4.93
C LYS E 58 33.32 14.49 -4.52
N PHE E 59 32.98 15.55 -5.25
CA PHE E 59 31.86 16.40 -4.90
C PHE E 59 30.53 15.92 -5.49
N CYS E 60 29.45 16.23 -4.78
CA CYS E 60 28.10 16.15 -5.33
C CYS E 60 27.31 17.27 -4.66
N ASN E 61 27.31 18.44 -5.31
CA ASN E 61 26.83 19.70 -4.71
C ASN E 61 25.32 19.85 -4.93
N LEU E 62 24.57 18.95 -4.27
CA LEU E 62 23.11 18.93 -4.46
C LEU E 62 22.43 20.16 -3.87
N SER E 63 22.82 20.59 -2.67
CA SER E 63 22.18 21.72 -2.02
C SER E 63 22.37 23.03 -2.80
N ASP E 64 23.58 23.28 -3.29
CA ASP E 64 23.82 24.48 -4.08
C ASP E 64 23.03 24.45 -5.38
N ALA E 65 22.94 23.27 -5.99
CA ALA E 65 22.13 23.10 -7.19
C ALA E 65 20.67 23.42 -6.92
N HIS E 66 20.13 22.93 -5.79
CA HIS E 66 18.77 23.30 -5.40
C HIS E 66 18.65 24.80 -5.25
N LYS E 67 19.65 25.43 -4.62
CA LYS E 67 19.67 26.88 -4.43
C LYS E 67 19.53 27.60 -5.77
N LYS E 68 20.29 27.19 -6.79
CA LYS E 68 20.25 27.88 -8.07
C LYS E 68 18.99 27.56 -8.88
N ASN E 69 18.46 26.35 -8.75
CA ASN E 69 17.16 26.00 -9.36
C ASN E 69 17.16 26.18 -10.89
N LEU E 70 18.21 25.66 -11.54
CA LEU E 70 18.32 25.74 -12.99
C LEU E 70 18.04 24.42 -13.71
N TYR E 71 18.03 23.30 -13.00
CA TYR E 71 17.85 21.99 -13.61
C TYR E 71 16.39 21.75 -13.98
N ASP E 72 16.17 20.70 -14.77
CA ASP E 72 14.84 20.20 -15.10
C ASP E 72 14.28 19.45 -13.89
N HIS E 73 13.09 19.86 -13.43
CA HIS E 73 12.54 19.30 -12.20
C HIS E 73 12.19 17.83 -12.33
N ALA E 74 11.64 17.42 -13.48
CA ALA E 74 11.33 16.01 -13.71
C ALA E 74 12.58 15.14 -13.68
N LEU E 75 13.66 15.60 -14.32
CA LEU E 75 14.90 14.82 -14.32
C LEU E 75 15.49 14.71 -12.92
N MET E 76 15.46 15.80 -12.15
CA MET E 76 15.92 15.75 -10.76
C MET E 76 15.06 14.80 -9.93
N SER E 77 13.75 14.78 -10.18
CA SER E 77 12.88 13.84 -9.49
C SER E 77 13.27 12.40 -9.82
N ILE E 78 13.56 12.12 -11.09
CA ILE E 78 13.95 10.76 -11.49
C ILE E 78 15.27 10.37 -10.83
N ILE E 79 16.23 11.29 -10.80
CA ILE E 79 17.51 11.05 -10.14
C ILE E 79 17.30 10.72 -8.67
N SER E 80 16.47 11.51 -7.99
CA SER E 80 16.19 11.29 -6.58
C SER E 80 15.57 9.92 -6.35
N THR E 81 14.59 9.56 -7.16
CA THR E 81 13.95 8.25 -7.02
C THR E 81 14.96 7.13 -7.22
N PHE E 82 15.81 7.24 -8.25
CA PHE E 82 16.82 6.22 -8.50
C PHE E 82 17.72 6.06 -7.29
N HIS E 83 18.28 7.18 -6.79
CA HIS E 83 19.23 7.08 -5.69
C HIS E 83 18.57 6.57 -4.42
N LEU E 84 17.34 7.01 -4.14
CA LEU E 84 16.62 6.54 -2.96
C LEU E 84 16.23 5.08 -3.06
N SER E 85 16.23 4.52 -4.28
CA SER E 85 15.88 3.11 -4.44
C SER E 85 17.05 2.17 -4.22
N ILE E 86 18.28 2.66 -4.14
CA ILE E 86 19.44 1.77 -3.96
C ILE E 86 19.40 1.15 -2.56
N PRO E 87 19.53 -0.18 -2.44
CA PRO E 87 19.55 -0.80 -1.10
C PRO E 87 20.93 -0.65 -0.43
N ASN E 88 20.91 -0.19 0.82
CA ASN E 88 22.06 -0.24 1.73
C ASN E 88 23.24 0.62 1.26
N PHE E 89 22.97 1.71 0.55
CA PHE E 89 24.03 2.62 0.14
C PHE E 89 24.72 3.24 1.34
N ASN E 90 26.03 3.01 1.48
CA ASN E 90 26.75 3.50 2.65
C ASN E 90 28.16 4.01 2.33
N GLN E 91 28.49 4.26 1.05
CA GLN E 91 29.79 4.78 0.64
C GLN E 91 29.57 6.04 -0.18
N TYR E 92 29.49 7.20 0.48
CA TYR E 92 29.17 8.43 -0.22
C TYR E 92 30.25 8.84 -1.22
N GLU E 93 31.51 8.45 -0.99
CA GLU E 93 32.56 8.75 -1.97
C GLU E 93 32.35 8.03 -3.30
N ALA E 94 31.55 6.96 -3.32
CA ALA E 94 31.31 6.23 -4.56
C ALA E 94 30.42 6.98 -5.53
N MET E 95 29.79 8.08 -5.11
CA MET E 95 28.87 8.86 -5.93
C MET E 95 29.41 10.27 -6.10
N SER E 96 29.59 10.70 -7.34
CA SER E 96 30.01 12.06 -7.65
C SER E 96 29.04 12.66 -8.66
N CYS E 97 28.97 13.99 -8.68
CA CYS E 97 27.97 14.64 -9.51
C CYS E 97 28.52 15.96 -10.03
N ASP E 98 27.92 16.43 -11.13
CA ASP E 98 28.13 17.77 -11.66
C ASP E 98 26.78 18.31 -12.10
N PHE E 99 26.42 19.49 -11.57
CA PHE E 99 25.14 20.13 -11.90
C PHE E 99 25.29 21.56 -12.41
N ASN E 100 26.49 22.01 -12.74
CA ASN E 100 26.68 23.40 -13.14
C ASN E 100 25.86 23.72 -14.40
N GLY E 101 25.23 24.88 -14.39
CA GLY E 101 24.42 25.32 -15.51
C GLY E 101 23.11 24.59 -15.69
N GLY E 102 22.64 23.86 -14.68
CA GLY E 102 21.43 23.08 -14.83
C GLY E 102 21.61 21.73 -15.47
N LYS E 103 22.83 21.36 -15.85
CA LYS E 103 23.10 20.04 -16.37
C LYS E 103 22.94 18.99 -15.28
N ILE E 104 22.78 17.74 -15.70
CA ILE E 104 22.72 16.59 -14.79
C ILE E 104 23.80 15.61 -15.20
N SER E 105 24.80 15.42 -14.33
CA SER E 105 25.81 14.38 -14.52
C SER E 105 26.01 13.65 -13.20
N VAL E 106 25.77 12.34 -13.18
CA VAL E 106 25.93 11.54 -11.97
C VAL E 106 26.80 10.34 -12.31
N GLN E 107 27.79 10.05 -11.47
CA GLN E 107 28.71 8.95 -11.72
C GLN E 107 28.87 8.10 -10.48
N TYR E 108 28.55 6.82 -10.61
CA TYR E 108 28.71 5.82 -9.56
C TYR E 108 29.96 5.00 -9.85
N ASN E 109 30.88 4.96 -8.89
CA ASN E 109 32.12 4.20 -8.99
C ASN E 109 31.84 2.79 -8.48
N LEU E 110 31.85 1.81 -9.39
CA LEU E 110 31.51 0.43 -9.04
C LEU E 110 32.72 -0.42 -8.68
N SER E 111 33.93 0.14 -8.69
CA SER E 111 35.12 -0.65 -8.43
C SER E 111 35.18 -1.07 -6.97
N HIS E 112 35.72 -2.26 -6.73
CA HIS E 112 35.81 -2.82 -5.40
C HIS E 112 37.14 -2.45 -4.74
N ASN E 120 32.91 -11.19 0.26
CA ASN E 120 31.72 -11.34 -0.56
C ASN E 120 31.46 -10.07 -1.37
N HIS E 121 30.96 -10.22 -2.59
CA HIS E 121 30.68 -9.11 -3.47
C HIS E 121 29.28 -8.56 -3.33
N CYS E 122 28.44 -9.20 -2.50
CA CYS E 122 27.02 -8.84 -2.41
C CYS E 122 26.81 -7.56 -1.59
N GLY E 123 27.54 -7.40 -0.50
CA GLY E 123 27.39 -6.23 0.35
C GLY E 123 28.26 -5.08 -0.09
N THR E 124 28.13 -4.72 -1.36
CA THR E 124 28.92 -3.65 -1.97
C THR E 124 27.98 -2.68 -2.68
N VAL E 125 28.47 -1.46 -2.88
CA VAL E 125 27.72 -0.45 -3.63
C VAL E 125 27.43 -0.93 -5.05
N ALA E 126 28.37 -1.66 -5.65
CA ALA E 126 28.19 -2.16 -7.01
C ALA E 126 26.91 -2.97 -7.13
N ASN E 127 26.68 -3.89 -6.20
CA ASN E 127 25.51 -4.75 -6.25
C ASN E 127 24.21 -3.94 -6.16
N GLY E 128 24.13 -3.03 -5.19
CA GLY E 128 22.90 -2.26 -5.02
C GLY E 128 22.61 -1.37 -6.22
N VAL E 129 23.64 -0.68 -6.71
CA VAL E 129 23.48 0.19 -7.87
C VAL E 129 23.05 -0.64 -9.08
N LEU E 130 23.66 -1.80 -9.27
CA LEU E 130 23.34 -2.64 -10.42
C LEU E 130 21.92 -3.21 -10.33
N GLN E 131 21.48 -3.58 -9.12
CA GLN E 131 20.10 -4.03 -8.96
C GLN E 131 19.10 -2.92 -9.31
N THR E 132 19.37 -1.71 -8.84
CA THR E 132 18.51 -0.59 -9.21
C THR E 132 18.51 -0.35 -10.71
N PHE E 133 19.68 -0.42 -11.34
CA PHE E 133 19.79 -0.24 -12.78
C PHE E 133 19.01 -1.33 -13.55
N MET E 134 19.12 -2.58 -13.09
CA MET E 134 18.38 -3.68 -13.70
C MET E 134 16.87 -3.50 -13.59
N ARG E 135 16.41 -3.00 -12.45
CA ARG E 135 14.98 -2.74 -12.20
C ARG E 135 14.42 -1.59 -13.02
N MET E 136 15.14 -0.47 -13.13
CA MET E 136 14.58 0.71 -13.79
C MET E 136 14.33 0.46 -15.27
N ALA E 137 15.19 -0.24 -15.98
CA ALA E 137 14.87 -0.47 -17.39
C ALA E 137 14.23 -1.83 -17.60
N TRP E 138 14.63 -2.85 -16.85
CA TRP E 138 14.05 -4.19 -16.98
C TRP E 138 13.88 -4.63 -18.43
N GLY E 139 14.96 -4.56 -19.20
CA GLY E 139 14.87 -4.77 -20.63
C GLY E 139 15.43 -6.09 -21.10
N GLY E 140 15.90 -6.92 -20.17
CA GLY E 140 16.46 -8.21 -20.52
C GLY E 140 17.73 -8.52 -19.75
N GLY E 148 29.41 -11.80 -12.81
CA GLY E 148 28.19 -12.41 -13.31
C GLY E 148 27.20 -12.78 -12.22
N ARG E 149 26.64 -13.98 -12.33
CA ARG E 149 25.60 -14.42 -11.42
C ARG E 149 26.11 -14.54 -9.99
N GLY E 150 25.25 -14.13 -9.04
CA GLY E 150 25.60 -14.08 -7.65
C GLY E 150 24.55 -14.78 -6.81
N ASN E 151 24.87 -14.99 -5.54
CA ASN E 151 23.95 -15.70 -4.66
C ASN E 151 22.72 -14.83 -4.41
N TRP E 152 21.59 -15.50 -4.23
CA TRP E 152 20.28 -14.85 -4.01
C TRP E 152 20.07 -13.93 -5.21
N ASP E 153 19.75 -12.65 -5.01
CA ASP E 153 19.46 -11.71 -6.09
C ASP E 153 20.68 -10.87 -6.50
N CYS E 154 21.88 -11.32 -6.15
CA CYS E 154 23.10 -10.52 -6.27
C CYS E 154 23.59 -10.47 -7.72
N ILE E 155 24.07 -9.28 -8.13
CA ILE E 155 24.51 -9.02 -9.50
C ILE E 155 25.97 -8.56 -9.48
N MET E 156 26.75 -9.00 -10.47
CA MET E 156 28.10 -8.48 -10.67
C MET E 156 28.43 -8.28 -12.14
N THR E 157 29.16 -7.19 -12.44
CA THR E 157 29.60 -6.89 -13.80
C THR E 157 31.09 -6.52 -13.77
N SER E 158 31.68 -6.46 -14.96
CA SER E 158 33.07 -6.07 -15.16
C SER E 158 33.27 -4.57 -15.32
N TYR E 159 32.21 -3.78 -15.34
CA TYR E 159 32.32 -2.34 -15.56
C TYR E 159 32.73 -1.61 -14.30
N GLN E 160 33.47 -0.52 -14.49
CA GLN E 160 33.96 0.29 -13.39
C GLN E 160 33.07 1.47 -13.02
N TYR E 161 32.13 1.87 -13.87
CA TYR E 161 31.38 3.09 -13.64
C TYR E 161 29.98 2.97 -14.22
N LEU E 162 29.03 3.63 -13.57
CA LEU E 162 27.70 3.87 -14.12
C LEU E 162 27.49 5.38 -14.21
N ILE E 163 27.23 5.88 -15.42
CA ILE E 163 27.14 7.31 -15.68
C ILE E 163 25.73 7.63 -16.16
N ILE E 164 25.15 8.70 -15.59
CA ILE E 164 23.80 9.14 -15.89
C ILE E 164 23.89 10.59 -16.34
N GLN E 165 23.56 10.86 -17.62
CA GLN E 165 23.60 12.23 -18.14
C GLN E 165 22.36 12.55 -18.95
N ASN E 166 21.91 13.80 -18.87
CA ASN E 166 20.74 14.23 -19.64
C ASN E 166 21.07 14.30 -21.13
N THR E 167 20.03 14.11 -21.94
CA THR E 167 20.15 14.00 -23.39
C THR E 167 18.83 14.41 -24.03
N THR E 168 18.87 14.62 -25.34
CA THR E 168 17.70 14.95 -26.14
C THR E 168 17.10 13.68 -26.73
N TRP E 169 15.87 13.79 -27.21
CA TRP E 169 15.16 12.61 -27.69
C TRP E 169 15.80 12.06 -28.96
N GLU E 170 15.88 10.74 -29.03
CA GLU E 170 16.37 10.02 -30.19
C GLU E 170 15.87 8.58 -30.09
N ASP E 171 15.78 7.91 -31.23
CA ASP E 171 15.26 6.53 -31.29
C ASP E 171 16.37 5.64 -30.76
N HIS E 172 16.33 5.38 -29.45
CA HIS E 172 17.36 4.60 -28.77
C HIS E 172 16.94 3.16 -28.49
N CYS E 173 15.67 2.80 -28.72
CA CYS E 173 15.10 1.54 -28.24
C CYS E 173 15.35 0.40 -29.23
N GLN E 174 16.63 0.08 -29.42
CA GLN E 174 16.98 -1.01 -30.34
C GLN E 174 16.72 -2.39 -29.75
N PHE E 175 16.96 -2.58 -28.46
CA PHE E 175 16.84 -3.91 -27.89
C PHE E 175 15.48 -4.20 -27.25
N SER E 176 14.86 -3.21 -26.62
CA SER E 176 13.55 -3.41 -26.01
C SER E 176 12.65 -2.20 -26.26
N ARG E 177 11.35 -2.45 -26.25
CA ARG E 177 10.35 -1.43 -26.49
C ARG E 177 10.28 -0.45 -25.30
N PRO E 178 9.99 0.82 -25.55
CA PRO E 178 9.74 1.76 -24.44
C PRO E 178 8.59 1.30 -23.58
N SER E 179 8.71 1.52 -22.27
CA SER E 179 7.74 1.02 -21.31
C SER E 179 7.79 1.85 -20.04
N PRO E 180 6.65 2.19 -19.43
CA PRO E 180 6.66 2.88 -18.15
C PRO E 180 6.83 1.98 -16.93
N ILE E 181 6.93 0.66 -17.12
CA ILE E 181 6.80 -0.28 -16.02
C ILE E 181 7.93 -0.13 -15.02
N GLY E 182 9.17 0.01 -15.50
CA GLY E 182 10.31 0.10 -14.60
C GLY E 182 10.25 1.26 -13.63
N TYR E 183 9.94 2.45 -14.14
CA TYR E 183 9.87 3.64 -13.28
C TYR E 183 8.74 3.49 -12.26
N LEU E 184 7.56 3.10 -12.73
CA LEU E 184 6.41 2.93 -11.85
C LEU E 184 6.71 1.92 -10.75
N GLY E 185 7.29 0.77 -11.12
CA GLY E 185 7.68 -0.20 -10.12
C GLY E 185 8.70 0.32 -9.13
N LEU E 186 9.66 1.12 -9.60
CA LEU E 186 10.67 1.66 -8.72
C LEU E 186 10.12 2.70 -7.76
N LEU E 187 8.99 3.34 -8.11
CA LEU E 187 8.42 4.36 -7.23
C LEU E 187 8.17 3.81 -5.83
N SER E 188 7.69 2.58 -5.73
CA SER E 188 7.42 1.98 -4.42
C SER E 188 8.68 1.59 -3.67
N GLN E 189 9.83 1.50 -4.35
CA GLN E 189 11.07 1.10 -3.69
C GLN E 189 11.70 2.24 -2.89
N ARG E 190 11.31 3.49 -3.14
CA ARG E 190 11.94 4.66 -2.52
C ARG E 190 12.00 4.55 -1.00
N THR E 191 13.20 4.79 -0.46
CA THR E 191 13.52 4.86 0.98
C THR E 191 13.28 3.56 1.73
N ARG E 192 12.92 2.47 1.05
CA ARG E 192 12.59 1.23 1.73
C ARG E 192 13.80 0.61 2.42
N ASP E 193 15.01 0.83 1.88
CA ASP E 193 16.20 0.16 2.38
C ASP E 193 17.34 1.12 2.70
N ILE E 194 17.03 2.40 2.97
CA ILE E 194 18.06 3.34 3.38
C ILE E 194 18.49 3.10 4.82
N TYR E 195 19.75 3.42 5.11
CA TYR E 195 20.31 3.38 6.46
C TYR E 195 20.09 4.70 7.17
N ILE E 196 20.07 4.65 8.50
CA ILE E 196 20.10 5.85 9.32
C ILE E 196 21.53 6.38 9.40
N SER E 197 21.69 7.68 9.24
CA SER E 197 22.99 8.33 9.38
C SER E 197 23.07 9.31 10.53
N ARG E 198 21.96 9.58 11.21
CA ARG E 198 21.94 10.34 12.44
C ARG E 198 20.69 9.99 13.22
N ARG E 199 20.65 10.42 14.48
CA ARG E 199 19.56 10.00 15.35
C ARG E 199 18.27 10.75 15.05
N LEU E 200 18.37 12.00 14.62
CA LEU E 200 17.20 12.81 14.28
C LEU E 200 17.20 13.01 12.78
N LEU E 201 16.32 12.30 12.08
CA LEU E 201 16.27 12.38 10.62
C LEU E 201 15.85 13.77 10.18
N THR F 1 -11.83 -35.59 18.72
CA THR F 1 -12.79 -36.21 19.63
C THR F 1 -14.07 -35.38 19.70
N SER F 2 -13.98 -34.15 19.23
CA SER F 2 -15.11 -33.22 19.22
C SER F 2 -15.76 -33.25 17.85
N LEU F 3 -17.04 -33.60 17.79
CA LEU F 3 -17.73 -33.84 16.54
C LEU F 3 -18.83 -32.82 16.34
N TYR F 4 -18.83 -32.20 15.17
CA TYR F 4 -19.75 -31.16 14.76
C TYR F 4 -20.58 -31.62 13.57
N LYS F 5 -21.88 -31.31 13.60
CA LYS F 5 -22.87 -31.76 12.63
C LYS F 5 -22.89 -33.28 12.49
N GLY F 6 -22.40 -33.99 13.49
CA GLY F 6 -22.35 -35.44 13.46
C GLY F 6 -21.41 -36.05 12.46
N VAL F 7 -20.79 -35.26 11.58
CA VAL F 7 -19.98 -35.83 10.50
C VAL F 7 -18.65 -35.11 10.36
N TYR F 8 -18.48 -33.99 11.04
CA TYR F 8 -17.29 -33.13 10.90
C TYR F 8 -16.45 -33.22 12.16
N GLU F 9 -15.25 -33.79 12.04
CA GLU F 9 -14.35 -33.90 13.18
C GLU F 9 -13.44 -32.67 13.19
N LEU F 10 -13.29 -32.05 14.35
CA LEU F 10 -12.42 -30.89 14.51
C LEU F 10 -10.97 -31.29 14.75
N GLN F 11 -10.07 -30.81 13.89
CA GLN F 11 -8.66 -31.15 13.97
C GLN F 11 -7.84 -29.87 13.85
N THR F 12 -6.61 -29.90 14.36
CA THR F 12 -5.78 -28.72 14.45
C THR F 12 -4.41 -28.99 13.83
N LEU F 13 -3.72 -27.91 13.49
CA LEU F 13 -2.31 -27.95 13.10
C LEU F 13 -1.61 -26.69 13.60
N GLU F 14 -0.30 -26.82 13.84
CA GLU F 14 0.51 -25.67 14.21
C GLU F 14 1.72 -25.59 13.31
N LEU F 15 1.95 -24.42 12.71
CA LEU F 15 3.04 -24.22 11.77
C LEU F 15 4.38 -24.09 12.48
N ASN F 16 5.41 -24.69 11.90
CA ASN F 16 6.78 -24.54 12.38
C ASN F 16 7.44 -23.43 11.58
N MET F 17 7.30 -22.20 12.08
CA MET F 17 7.89 -21.02 11.44
C MET F 17 9.40 -21.07 11.40
N GLU F 18 10.01 -21.89 12.27
CA GLU F 18 11.47 -21.96 12.38
C GLU F 18 12.12 -22.28 11.04
N THR F 19 11.41 -23.04 10.19
CA THR F 19 11.90 -23.42 8.86
C THR F 19 12.02 -22.25 7.89
N LEU F 20 11.51 -21.07 8.23
CA LEU F 20 11.62 -19.87 7.39
C LEU F 20 12.94 -19.14 7.58
N ASN F 21 13.81 -19.71 8.42
CA ASN F 21 14.99 -19.07 8.96
C ASN F 21 15.97 -18.57 7.89
N MET F 22 16.06 -19.23 6.74
CA MET F 22 17.03 -18.80 5.75
C MET F 22 16.62 -17.59 4.92
N THR F 23 15.34 -17.20 4.93
CA THR F 23 14.90 -16.10 4.07
C THR F 23 14.30 -14.91 4.81
N MET F 24 14.12 -14.98 6.13
CA MET F 24 13.57 -13.83 6.84
C MET F 24 13.99 -13.93 8.30
N PRO F 25 14.15 -12.80 8.99
CA PRO F 25 14.49 -12.84 10.42
C PRO F 25 13.33 -13.39 11.25
N LEU F 26 13.69 -13.99 12.38
CA LEU F 26 12.72 -14.59 13.29
C LEU F 26 12.89 -14.01 14.67
N SER F 27 11.84 -13.41 15.20
CA SER F 27 11.78 -12.83 16.54
C SER F 27 11.13 -13.79 17.53
N CYS F 28 11.60 -13.76 18.78
CA CYS F 28 10.94 -14.50 19.84
C CYS F 28 11.23 -13.83 21.18
N THR F 29 10.49 -14.29 22.18
CA THR F 29 10.52 -13.73 23.53
C THR F 29 10.96 -14.76 24.57
N LYS F 30 11.95 -14.40 25.38
CA LYS F 30 12.37 -15.26 26.48
C LYS F 30 11.49 -15.01 27.70
N ASN F 31 11.30 -13.74 28.06
CA ASN F 31 10.40 -13.34 29.14
C ASN F 31 9.98 -11.90 28.86
N ASN F 32 9.38 -11.25 29.86
CA ASN F 32 8.89 -9.88 29.69
C ASN F 32 9.95 -8.94 29.13
N SER F 33 11.18 -9.02 29.64
CA SER F 33 12.23 -8.05 29.35
C SER F 33 13.16 -8.46 28.22
N HIS F 34 13.33 -9.76 27.94
CA HIS F 34 14.36 -10.23 27.01
C HIS F 34 13.74 -10.80 25.75
N HIS F 35 14.21 -10.34 24.59
CA HIS F 35 13.71 -10.71 23.27
C HIS F 35 14.88 -10.82 22.30
N TYR F 36 14.68 -11.62 21.25
CA TYR F 36 15.78 -11.97 20.35
C TYR F 36 15.23 -11.90 18.93
N ILE F 37 16.08 -11.50 17.99
CA ILE F 37 15.82 -11.62 16.56
C ILE F 37 16.99 -12.28 15.86
N MET F 38 16.76 -13.45 15.29
CA MET F 38 17.82 -14.25 14.70
C MET F 38 17.75 -14.10 13.19
N VAL F 39 18.93 -13.95 12.57
CA VAL F 39 19.10 -13.82 11.13
C VAL F 39 19.92 -15.02 10.68
N GLY F 40 19.26 -15.99 10.06
CA GLY F 40 19.96 -17.21 9.72
C GLY F 40 20.16 -18.02 10.98
N ASN F 41 21.09 -18.98 10.89
CA ASN F 41 21.43 -19.86 12.00
C ASN F 41 22.69 -19.44 12.73
N GLU F 42 23.20 -18.23 12.48
CA GLU F 42 24.50 -17.92 13.04
C GLU F 42 24.58 -16.62 13.84
N THR F 43 23.66 -15.66 13.64
CA THR F 43 23.79 -14.35 14.28
C THR F 43 22.41 -13.77 14.53
N GLY F 44 22.36 -12.74 15.36
CA GLY F 44 21.11 -12.05 15.62
C GLY F 44 21.33 -10.90 16.59
N LEU F 45 20.23 -10.34 17.05
CA LEU F 45 20.24 -9.23 18.01
C LEU F 45 19.47 -9.62 19.25
N GLU F 46 20.04 -9.35 20.42
CA GLU F 46 19.38 -9.47 21.70
C GLU F 46 18.94 -8.10 22.20
N LEU F 47 17.64 -7.94 22.48
CA LEU F 47 17.08 -6.71 23.04
C LEU F 47 16.65 -6.97 24.48
N THR F 48 17.30 -6.28 25.41
CA THR F 48 17.09 -6.42 26.84
C THR F 48 16.63 -5.11 27.48
N LEU F 49 15.54 -5.18 28.26
CA LEU F 49 15.15 -4.10 29.16
C LEU F 49 15.87 -4.30 30.48
N THR F 50 16.59 -3.26 30.93
CA THR F 50 17.50 -3.43 32.07
C THR F 50 17.74 -2.08 32.74
N ASN F 51 18.05 -2.15 34.03
CA ASN F 51 18.50 -1.02 34.82
C ASN F 51 20.01 -0.78 34.75
N THR F 52 20.77 -1.68 34.13
CA THR F 52 22.22 -1.60 34.04
C THR F 52 22.62 -1.14 32.64
N SER F 53 23.07 0.11 32.52
CA SER F 53 23.56 0.62 31.26
C SER F 53 24.96 0.10 30.95
N ILE F 54 25.27 -0.01 29.66
CA ILE F 54 26.60 -0.43 29.19
C ILE F 54 27.33 0.67 28.44
N ILE F 55 26.69 1.79 28.13
CA ILE F 55 27.33 2.91 27.47
C ILE F 55 27.17 4.15 28.34
N ASN F 56 28.26 4.88 28.53
CA ASN F 56 28.27 6.06 29.40
C ASN F 56 28.84 7.26 28.65
N HIS F 57 28.43 7.43 27.40
CA HIS F 57 28.75 8.62 26.62
C HIS F 57 27.54 8.99 25.79
N LYS F 58 27.63 10.12 25.08
CA LYS F 58 26.52 10.65 24.30
C LYS F 58 26.71 10.48 22.80
N PHE F 59 27.68 9.68 22.36
CA PHE F 59 27.97 9.51 20.95
C PHE F 59 27.16 8.40 20.30
N CYS F 60 26.88 8.58 19.00
CA CYS F 60 26.38 7.50 18.14
C CYS F 60 26.96 7.77 16.75
N ASN F 61 28.14 7.21 16.49
CA ASN F 61 28.98 7.57 15.33
C ASN F 61 28.58 6.74 14.09
N LEU F 62 27.35 6.98 13.62
CA LEU F 62 26.80 6.18 12.54
C LEU F 62 27.59 6.36 11.23
N SER F 63 27.92 7.60 10.87
CA SER F 63 28.58 7.85 9.60
C SER F 63 29.98 7.23 9.54
N ASP F 64 30.73 7.30 10.65
CA ASP F 64 32.04 6.65 10.68
C ASP F 64 31.90 5.15 10.56
N ALA F 65 30.86 4.59 11.19
CA ALA F 65 30.58 3.16 11.05
C ALA F 65 30.31 2.80 9.61
N HIS F 66 29.54 3.63 8.91
CA HIS F 66 29.23 3.37 7.51
C HIS F 66 30.50 3.39 6.67
N LYS F 67 31.30 4.44 6.83
CA LYS F 67 32.53 4.54 6.04
C LYS F 67 33.47 3.37 6.31
N LYS F 68 33.67 2.98 7.58
CA LYS F 68 34.52 1.83 7.85
C LYS F 68 33.96 0.54 7.28
N ASN F 69 32.63 0.41 7.22
CA ASN F 69 31.95 -0.70 6.55
C ASN F 69 32.41 -2.07 7.06
N LEU F 70 32.45 -2.22 8.38
CA LEU F 70 32.84 -3.48 9.00
C LEU F 70 31.67 -4.30 9.56
N TYR F 71 30.51 -3.68 9.74
CA TYR F 71 29.37 -4.34 10.39
C TYR F 71 28.66 -5.30 9.45
N ASP F 72 27.78 -6.12 10.03
CA ASP F 72 26.89 -7.01 9.30
C ASP F 72 25.74 -6.20 8.71
N HIS F 73 25.56 -6.29 7.40
CA HIS F 73 24.61 -5.41 6.71
C HIS F 73 23.16 -5.70 7.11
N ALA F 74 22.80 -6.97 7.28
CA ALA F 74 21.45 -7.31 7.71
C ALA F 74 21.14 -6.74 9.11
N LEU F 75 22.09 -6.86 10.03
CA LEU F 75 21.86 -6.34 11.38
C LEU F 75 21.71 -4.82 11.37
N MET F 76 22.53 -4.12 10.60
CA MET F 76 22.40 -2.68 10.47
C MET F 76 21.07 -2.30 9.84
N SER F 77 20.60 -3.09 8.86
CA SER F 77 19.28 -2.87 8.28
C SER F 77 18.19 -2.98 9.33
N ILE F 78 18.28 -4.02 10.18
CA ILE F 78 17.28 -4.22 11.23
C ILE F 78 17.30 -3.06 12.22
N ILE F 79 18.51 -2.62 12.61
CA ILE F 79 18.64 -1.49 13.54
C ILE F 79 18.00 -0.25 12.94
N SER F 80 18.26 0.02 11.66
CA SER F 80 17.70 1.19 11.00
C SER F 80 16.18 1.11 10.97
N THR F 81 15.63 -0.05 10.64
CA THR F 81 14.17 -0.22 10.60
C THR F 81 13.57 0.04 11.98
N PHE F 82 14.18 -0.54 13.02
CA PHE F 82 13.69 -0.31 14.38
C PHE F 82 13.67 1.18 14.71
N HIS F 83 14.79 1.87 14.48
CA HIS F 83 14.86 3.28 14.86
C HIS F 83 13.90 4.13 14.02
N LEU F 84 13.78 3.85 12.73
CA LEU F 84 12.87 4.60 11.89
C LEU F 84 11.42 4.32 12.21
N SER F 85 11.13 3.22 12.91
CA SER F 85 9.74 2.92 13.27
C SER F 85 9.29 3.63 14.54
N ILE F 86 10.20 4.24 15.30
CA ILE F 86 9.82 4.89 16.56
C ILE F 86 8.97 6.12 16.26
N PRO F 87 7.82 6.30 16.92
CA PRO F 87 7.00 7.49 16.69
C PRO F 87 7.48 8.68 17.51
N ASN F 88 7.63 9.83 16.84
CA ASN F 88 7.83 11.14 17.49
C ASN F 88 9.15 11.23 18.25
N PHE F 89 10.18 10.49 17.81
CA PHE F 89 11.49 10.54 18.45
C PHE F 89 12.11 11.92 18.27
N ASN F 90 12.35 12.64 19.38
CA ASN F 90 12.87 14.00 19.27
C ASN F 90 13.93 14.33 20.31
N GLN F 91 14.56 13.33 20.93
CA GLN F 91 15.58 13.54 21.96
C GLN F 91 16.82 12.73 21.58
N TYR F 92 17.72 13.34 20.79
CA TYR F 92 18.87 12.60 20.30
C TYR F 92 19.82 12.16 21.43
N GLU F 93 19.82 12.85 22.57
CA GLU F 93 20.63 12.41 23.70
C GLU F 93 20.18 11.07 24.28
N ALA F 94 18.92 10.70 24.06
CA ALA F 94 18.40 9.46 24.64
C ALA F 94 18.96 8.20 23.99
N MET F 95 19.64 8.32 22.84
CA MET F 95 20.15 7.18 22.11
C MET F 95 21.67 7.29 21.97
N SER F 96 22.39 6.28 22.44
CA SER F 96 23.84 6.21 22.32
C SER F 96 24.21 4.88 21.68
N CYS F 97 25.40 4.83 21.09
CA CYS F 97 25.77 3.67 20.29
C CYS F 97 27.26 3.40 20.45
N ASP F 98 27.63 2.17 20.11
CA ASP F 98 29.02 1.76 19.94
C ASP F 98 29.09 0.79 18.77
N PHE F 99 29.88 1.13 17.75
CA PHE F 99 30.04 0.30 16.57
C PHE F 99 31.49 -0.12 16.34
N ASN F 100 32.40 0.13 17.28
CA ASN F 100 33.81 -0.16 17.05
C ASN F 100 34.02 -1.63 16.72
N GLY F 101 34.86 -1.89 15.72
CA GLY F 101 35.15 -3.24 15.31
C GLY F 101 34.06 -3.94 14.54
N GLY F 102 33.03 -3.22 14.12
CA GLY F 102 31.92 -3.83 13.41
C GLY F 102 30.81 -4.39 14.28
N LYS F 103 30.97 -4.37 15.60
CA LYS F 103 29.91 -4.79 16.50
C LYS F 103 28.77 -3.77 16.51
N ILE F 104 27.62 -4.19 17.03
CA ILE F 104 26.43 -3.36 17.11
C ILE F 104 26.03 -3.30 18.59
N SER F 105 26.10 -2.09 19.17
CA SER F 105 25.58 -1.82 20.50
C SER F 105 24.77 -0.53 20.47
N VAL F 106 23.49 -0.62 20.81
CA VAL F 106 22.61 0.55 20.83
C VAL F 106 21.90 0.60 22.18
N GLN F 107 21.94 1.75 22.84
CA GLN F 107 21.32 1.91 24.16
C GLN F 107 20.37 3.10 24.15
N TYR F 108 19.12 2.85 24.53
CA TYR F 108 18.10 3.88 24.69
C TYR F 108 17.90 4.14 26.18
N ASN F 109 18.08 5.40 26.58
CA ASN F 109 17.87 5.83 27.96
C ASN F 109 16.38 6.16 28.11
N LEU F 110 15.68 5.39 28.94
CA LEU F 110 14.24 5.54 29.10
C LEU F 110 13.83 6.38 30.31
N SER F 111 14.76 6.93 31.07
CA SER F 111 14.38 7.64 32.28
C SER F 111 13.75 8.98 31.94
N HIS F 112 12.88 9.46 32.83
CA HIS F 112 12.19 10.73 32.63
C HIS F 112 12.81 11.82 33.48
N ASN F 120 2.67 14.43 31.39
CA ASN F 120 2.13 13.23 30.76
C ASN F 120 3.24 12.32 30.25
N HIS F 121 3.16 11.05 30.63
CA HIS F 121 4.16 10.05 30.26
C HIS F 121 4.04 9.58 28.81
N CYS F 122 2.93 9.92 28.14
CA CYS F 122 2.67 9.42 26.79
C CYS F 122 3.58 10.08 25.77
N GLY F 123 3.81 11.37 25.89
CA GLY F 123 4.62 12.12 24.94
C GLY F 123 6.09 12.12 25.31
N THR F 124 6.63 10.93 25.56
CA THR F 124 8.02 10.75 25.96
C THR F 124 8.67 9.72 25.04
N VAL F 125 10.01 9.78 24.99
CA VAL F 125 10.80 8.81 24.23
C VAL F 125 10.55 7.39 24.73
N ALA F 126 10.35 7.24 26.03
CA ALA F 126 10.14 5.92 26.61
C ALA F 126 8.92 5.24 25.99
N ASN F 127 7.83 5.98 25.82
CA ASN F 127 6.61 5.41 25.26
C ASN F 127 6.84 4.91 23.83
N GLY F 128 7.44 5.75 22.98
CA GLY F 128 7.66 5.36 21.60
C GLY F 128 8.58 4.15 21.49
N VAL F 129 9.68 4.19 22.24
CA VAL F 129 10.64 3.09 22.23
C VAL F 129 9.97 1.79 22.66
N LEU F 130 9.18 1.86 23.75
CA LEU F 130 8.53 0.66 24.26
C LEU F 130 7.46 0.15 23.31
N GLN F 131 6.72 1.04 22.64
CA GLN F 131 5.76 0.58 21.64
C GLN F 131 6.43 -0.15 20.50
N THR F 132 7.55 0.40 20.00
CA THR F 132 8.29 -0.30 18.96
C THR F 132 8.82 -1.64 19.44
N PHE F 133 9.33 -1.69 20.66
CA PHE F 133 9.83 -2.94 21.24
C PHE F 133 8.72 -3.99 21.36
N MET F 134 7.53 -3.58 21.82
CA MET F 134 6.39 -4.48 21.94
C MET F 134 5.94 -5.00 20.58
N ARG F 135 5.96 -4.15 19.55
CA ARG F 135 5.61 -4.53 18.19
C ARG F 135 6.60 -5.47 17.54
N MET F 136 7.90 -5.24 17.73
CA MET F 136 8.92 -6.05 17.05
C MET F 136 8.86 -7.51 17.47
N ALA F 137 8.70 -7.81 18.77
CA ALA F 137 8.62 -9.22 19.11
C ALA F 137 7.18 -9.70 19.22
N TRP F 138 6.27 -8.86 19.66
CA TRP F 138 4.85 -9.21 19.80
C TRP F 138 4.65 -10.58 20.47
N GLY F 139 5.23 -10.74 21.65
CA GLY F 139 5.29 -12.04 22.28
C GLY F 139 4.37 -12.19 23.46
N GLY F 140 3.39 -11.29 23.58
CA GLY F 140 2.51 -11.28 24.73
C GLY F 140 3.07 -10.50 25.90
N GLY F 148 3.17 -0.64 33.85
CA GLY F 148 2.03 0.22 34.05
C GLY F 148 1.20 0.43 32.80
N ARG F 149 -0.04 0.87 32.99
CA ARG F 149 -1.01 1.02 31.92
C ARG F 149 -1.27 2.50 31.68
N GLY F 150 -1.32 2.88 30.40
CA GLY F 150 -1.47 4.26 30.00
C GLY F 150 -2.71 4.50 29.16
N ASN F 151 -3.02 5.78 28.96
CA ASN F 151 -4.18 6.16 28.17
C ASN F 151 -3.93 5.85 26.70
N TRP F 152 -4.99 5.46 26.01
CA TRP F 152 -4.95 5.11 24.59
C TRP F 152 -3.96 3.93 24.47
N ASP F 153 -2.98 3.98 23.59
CA ASP F 153 -2.03 2.91 23.34
C ASP F 153 -0.73 3.05 24.15
N CYS F 154 -0.77 3.78 25.27
CA CYS F 154 0.45 4.20 25.96
C CYS F 154 1.03 3.08 26.81
N ILE F 155 2.36 2.96 26.79
CA ILE F 155 3.10 1.92 27.51
C ILE F 155 4.06 2.58 28.49
N MET F 156 4.15 2.04 29.71
CA MET F 156 5.19 2.44 30.66
C MET F 156 5.75 1.26 31.43
N THR F 157 7.06 1.27 31.66
CA THR F 157 7.74 0.27 32.48
C THR F 157 8.61 0.96 33.52
N SER F 158 9.19 0.16 34.41
CA SER F 158 10.11 0.62 35.45
C SER F 158 11.58 0.53 35.04
N TYR F 159 11.87 0.16 33.80
CA TYR F 159 13.22 -0.03 33.33
C TYR F 159 13.84 1.27 32.85
N GLN F 160 15.13 1.45 33.14
CA GLN F 160 15.85 2.65 32.77
C GLN F 160 16.54 2.58 31.42
N TYR F 161 16.67 1.39 30.82
CA TYR F 161 17.45 1.26 29.60
C TYR F 161 16.91 0.15 28.72
N LEU F 162 16.98 0.36 27.42
CA LEU F 162 16.77 -0.69 26.42
C LEU F 162 18.06 -0.86 25.63
N ILE F 163 18.62 -2.06 25.65
CA ILE F 163 19.93 -2.33 25.08
C ILE F 163 19.80 -3.39 24.00
N ILE F 164 20.41 -3.11 22.84
CA ILE F 164 20.36 -3.95 21.65
C ILE F 164 21.79 -4.30 21.31
N GLN F 165 22.14 -5.58 21.43
CA GLN F 165 23.50 -6.03 21.13
C GLN F 165 23.50 -7.25 20.23
N ASN F 166 24.50 -7.35 19.36
CA ASN F 166 24.62 -8.54 18.53
C ASN F 166 24.91 -9.77 19.38
N THR F 167 24.50 -10.93 18.89
CA THR F 167 24.66 -12.18 19.61
C THR F 167 24.73 -13.31 18.60
N THR F 168 25.21 -14.46 19.06
CA THR F 168 25.24 -15.67 18.26
C THR F 168 23.99 -16.49 18.52
N TRP F 169 23.76 -17.50 17.68
CA TRP F 169 22.52 -18.25 17.77
C TRP F 169 22.50 -19.12 19.03
N GLU F 170 21.34 -19.17 19.66
CA GLU F 170 21.10 -20.01 20.83
C GLU F 170 19.60 -20.17 20.97
N ASP F 171 19.19 -21.25 21.63
CA ASP F 171 17.77 -21.56 21.81
C ASP F 171 17.23 -20.64 22.90
N HIS F 172 16.72 -19.48 22.49
CA HIS F 172 16.27 -18.45 23.41
C HIS F 172 14.76 -18.43 23.61
N CYS F 173 14.00 -19.14 22.79
CA CYS F 173 12.55 -18.93 22.67
C CYS F 173 11.79 -19.81 23.68
N GLN F 174 11.96 -19.47 24.96
CA GLN F 174 11.25 -20.23 25.99
C GLN F 174 9.81 -19.77 26.17
N PHE F 175 9.54 -18.48 26.02
CA PHE F 175 8.19 -17.98 26.27
C PHE F 175 7.33 -17.93 25.02
N SER F 176 7.91 -17.59 23.87
CA SER F 176 7.14 -17.54 22.64
C SER F 176 7.92 -18.16 21.49
N ARG F 177 7.19 -18.71 20.53
CA ARG F 177 7.79 -19.36 19.37
C ARG F 177 8.41 -18.33 18.42
N PRO F 178 9.48 -18.69 17.72
CA PRO F 178 10.03 -17.79 16.69
C PRO F 178 8.96 -17.50 15.64
N SER F 179 8.97 -16.27 15.14
CA SER F 179 7.98 -15.84 14.16
C SER F 179 8.51 -14.66 13.38
N PRO F 180 8.20 -14.55 12.08
CA PRO F 180 8.61 -13.37 11.31
C PRO F 180 7.62 -12.22 11.34
N ILE F 181 6.50 -12.35 12.06
CA ILE F 181 5.38 -11.43 11.89
C ILE F 181 5.75 -10.02 12.36
N GLY F 182 6.44 -9.91 13.49
CA GLY F 182 6.77 -8.59 14.02
C GLY F 182 7.63 -7.76 13.09
N TYR F 183 8.69 -8.35 12.55
CA TYR F 183 9.59 -7.62 11.65
C TYR F 183 8.84 -7.20 10.38
N LEU F 184 8.10 -8.12 9.79
CA LEU F 184 7.33 -7.82 8.57
C LEU F 184 6.32 -6.71 8.82
N GLY F 185 5.61 -6.77 9.94
CA GLY F 185 4.68 -5.72 10.27
C GLY F 185 5.36 -4.37 10.44
N LEU F 186 6.49 -4.34 11.15
CA LEU F 186 7.21 -3.09 11.34
C LEU F 186 7.78 -2.52 10.04
N LEU F 187 7.98 -3.35 9.01
CA LEU F 187 8.52 -2.84 7.75
C LEU F 187 7.70 -1.69 7.21
N SER F 188 6.38 -1.75 7.32
CA SER F 188 5.52 -0.69 6.81
C SER F 188 5.45 0.53 7.74
N GLN F 189 5.89 0.41 8.99
CA GLN F 189 5.87 1.54 9.92
C GLN F 189 7.03 2.52 9.69
N ARG F 190 8.05 2.13 8.92
CA ARG F 190 9.24 2.94 8.73
C ARG F 190 8.92 4.36 8.25
N THR F 191 9.53 5.35 8.92
CA THR F 191 9.44 6.78 8.62
C THR F 191 8.03 7.35 8.73
N ARG F 192 7.07 6.55 9.18
CA ARG F 192 5.67 6.98 9.19
C ARG F 192 5.41 8.12 10.17
N ASP F 193 6.16 8.19 11.27
CA ASP F 193 5.90 9.18 12.31
C ASP F 193 7.15 9.96 12.69
N ILE F 194 8.10 10.10 11.77
CA ILE F 194 9.28 10.93 12.01
C ILE F 194 8.93 12.42 11.90
N TYR F 195 9.67 13.24 12.64
CA TYR F 195 9.59 14.68 12.60
C TYR F 195 10.55 15.25 11.56
N ILE F 196 10.22 16.43 11.05
CA ILE F 196 11.15 17.20 10.23
C ILE F 196 12.18 17.86 11.13
N SER F 197 13.47 17.73 10.76
CA SER F 197 14.54 18.41 11.47
C SER F 197 15.19 19.54 10.69
N ARG F 198 14.96 19.63 9.37
CA ARG F 198 15.42 20.76 8.59
C ARG F 198 14.43 20.95 7.45
N ARG F 199 14.55 22.09 6.77
CA ARG F 199 13.56 22.39 5.74
C ARG F 199 13.81 21.57 4.49
N LEU F 200 15.07 21.27 4.19
CA LEU F 200 15.47 20.50 3.02
C LEU F 200 15.84 19.11 3.52
N LEU F 201 14.96 18.14 3.36
CA LEU F 201 15.30 16.78 3.78
C LEU F 201 16.36 16.21 2.86
#